data_1SZG
#
_entry.id   1SZG
#
_cell.length_a   163.966
_cell.length_b   163.966
_cell.length_c   112.508
_cell.angle_alpha   90.00
_cell.angle_beta   90.00
_cell.angle_gamma   120.00
#
_symmetry.space_group_name_H-M   'P 32 2 1'
#
loop_
_entity.id
_entity.type
_entity.pdbx_description
1 polymer 'Cytochrome b2, mitochondrial'
2 non-polymer 'N-SULFO-FLAVIN MONONUCLEOTIDE'
3 water water
#
_entity_poly.entity_id   1
_entity_poly.type   'polypeptide(L)'
_entity_poly.pdbx_seq_one_letter_code
;EPKLDMNKQKISPAEVAKHNKPDDCWVVINGYVYDLTRFLPNHPGGQDVIKFNAGKDVTAIFEPLHAPNVIDKYIAPEKK
LGPLQGSMPPELVCPPYAPGETKEDIARKEQLKSLLPPLDNIINLYDFEYLASQTLTKQAWAYYSSGANDEVTHRENHNA
YHRIFFKPKILVDVRKVDISTDMLGSHVDVPFYVSATGLCKLGNPLEGEKDVARGCGQGVTKVPQMISTAASCSPEEIIE
AAPSDKQIQWYQLYVNSDRKITDDLVKNVEKLGVKALFVTVDAPSLGQREKDMKLKFSNTKAGPKAMKKTNVEESQGASR
ALSKFIDPSLTWKDIEELKKKTKLPIVIKGVQRTEDVIKAAEIGVSGVVLSNHGGRQLDFSRAPIEVLAETMPILEQRNL
KDKLEVFVDGGVRRGTDVLKALCLGAKGVGLGRPFLYANSCYGRNGVEKAIEILRDEIEMSMRLLGVTSIAELKPDLLDL
STLKARTVGVPNDVLYNEVYEGPTLTEFEDA
;
_entity_poly.pdbx_strand_id   A,B
#
# COMPACT_ATOMS: atom_id res chain seq x y z
N GLY A 100 37.13 -5.57 5.07
CA GLY A 100 37.59 -5.25 6.46
C GLY A 100 36.75 -5.90 7.57
N GLU A 101 36.82 -7.23 7.66
CA GLU A 101 36.04 -8.01 8.63
C GLU A 101 36.84 -8.38 9.89
N THR A 102 36.27 -8.15 11.08
CA THR A 102 36.88 -8.59 12.35
C THR A 102 36.77 -10.10 12.49
N LYS A 103 36.83 -10.56 13.74
CA LYS A 103 36.24 -11.85 14.09
C LYS A 103 34.81 -11.51 14.50
N GLU A 104 34.24 -10.58 13.72
CA GLU A 104 32.81 -10.34 13.61
C GLU A 104 32.23 -11.30 12.53
N ASP A 105 33.13 -12.02 11.86
CA ASP A 105 32.79 -13.25 11.12
C ASP A 105 32.03 -14.23 12.01
N ILE A 106 32.21 -14.09 13.31
CA ILE A 106 31.59 -14.96 14.32
C ILE A 106 30.19 -14.45 14.71
N ALA A 107 30.10 -13.17 15.09
CA ALA A 107 28.80 -12.52 15.34
C ALA A 107 27.87 -12.74 14.14
N ARG A 108 28.44 -12.65 12.93
CA ARG A 108 27.70 -12.89 11.69
C ARG A 108 27.39 -14.37 11.50
N LYS A 109 28.23 -15.24 12.06
CA LYS A 109 28.03 -16.67 11.85
C LYS A 109 26.98 -17.25 12.77
N GLU A 110 26.90 -16.77 14.00
CA GLU A 110 25.84 -17.25 14.91
C GLU A 110 24.47 -16.71 14.47
N GLN A 111 24.45 -15.47 13.99
CA GLN A 111 23.35 -14.85 13.27
C GLN A 111 22.81 -15.76 12.18
N LEU A 112 23.67 -15.99 11.18
CA LEU A 112 23.43 -16.92 10.09
C LEU A 112 23.00 -18.26 10.69
N LYS A 113 23.83 -18.75 11.63
CA LYS A 113 23.76 -20.12 12.13
C LYS A 113 22.51 -20.36 12.94
N SER A 114 21.53 -20.95 12.27
CA SER A 114 20.26 -21.38 12.85
C SER A 114 19.47 -20.25 13.49
N LEU A 115 20.09 -19.08 13.69
CA LEU A 115 19.37 -17.94 14.23
C LEU A 115 18.50 -17.25 13.16
N LEU A 116 18.83 -17.51 11.90
CA LEU A 116 17.96 -17.11 10.81
C LEU A 116 16.60 -17.75 11.05
N PRO A 117 15.53 -16.98 10.88
CA PRO A 117 14.18 -17.52 11.12
C PRO A 117 13.80 -18.51 10.02
N PRO A 118 12.84 -19.38 10.29
CA PRO A 118 12.34 -20.30 9.26
C PRO A 118 11.79 -19.52 8.05
N LEU A 119 12.08 -20.03 6.85
CA LEU A 119 11.62 -19.43 5.60
C LEU A 119 10.11 -19.10 5.58
N ASP A 120 9.31 -19.93 6.24
CA ASP A 120 7.86 -19.76 6.32
C ASP A 120 7.46 -18.52 7.10
N ASN A 121 8.39 -17.99 7.89
CA ASN A 121 8.13 -16.83 8.72
C ASN A 121 8.46 -15.48 8.06
N ILE A 122 8.99 -15.54 6.83
CA ILE A 122 9.30 -14.36 6.04
C ILE A 122 8.01 -13.86 5.39
N ILE A 123 7.62 -12.63 5.71
CA ILE A 123 6.34 -12.09 5.24
C ILE A 123 6.47 -11.33 3.90
N ASN A 124 7.52 -10.52 3.77
CA ASN A 124 7.71 -9.68 2.61
C ASN A 124 9.18 -9.55 2.19
N LEU A 125 9.42 -8.86 1.09
CA LEU A 125 10.77 -8.73 0.52
C LEU A 125 11.74 -7.92 1.38
N TYR A 126 11.20 -7.05 2.21
CA TYR A 126 11.99 -6.29 3.17
C TYR A 126 12.69 -7.18 4.21
N ASP A 127 12.01 -8.22 4.68
CA ASP A 127 12.57 -9.15 5.65
C ASP A 127 13.91 -9.73 5.18
N PHE A 128 13.95 -10.19 3.92
CA PHE A 128 15.18 -10.69 3.33
C PHE A 128 16.25 -9.64 3.43
N GLU A 129 15.90 -8.43 3.00
CA GLU A 129 16.78 -7.29 3.07
C GLU A 129 17.32 -7.11 4.49
N TYR A 130 16.46 -7.21 5.50
CA TYR A 130 16.91 -6.97 6.85
C TYR A 130 17.91 -8.02 7.29
N LEU A 131 17.52 -9.28 7.14
CA LEU A 131 18.37 -10.41 7.46
C LEU A 131 19.74 -10.31 6.77
N ALA A 132 19.76 -9.97 5.48
CA ALA A 132 21.03 -9.85 4.76
C ALA A 132 21.92 -8.75 5.34
N SER A 133 21.32 -7.63 5.76
CA SER A 133 22.08 -6.50 6.28
C SER A 133 22.85 -6.85 7.56
N GLN A 134 22.39 -7.87 8.28
CA GLN A 134 23.07 -8.33 9.48
C GLN A 134 23.99 -9.52 9.26
N THR A 135 23.87 -10.20 8.12
CA THR A 135 24.63 -11.43 7.91
C THR A 135 25.68 -11.41 6.80
N LEU A 136 25.50 -10.58 5.78
CA LEU A 136 26.53 -10.51 4.71
C LEU A 136 27.82 -9.86 5.19
N THR A 137 28.94 -10.21 4.55
CA THR A 137 30.19 -9.51 4.84
C THR A 137 30.07 -8.03 4.46
N LYS A 138 30.81 -7.17 5.15
CA LYS A 138 30.81 -5.73 4.87
C LYS A 138 30.99 -5.42 3.37
N GLN A 139 31.86 -6.13 2.67
CA GLN A 139 32.05 -5.90 1.25
C GLN A 139 30.83 -6.36 0.44
N ALA A 140 30.22 -7.47 0.85
CA ALA A 140 29.06 -8.00 0.17
C ALA A 140 27.88 -7.07 0.32
N TRP A 141 27.68 -6.59 1.55
CA TRP A 141 26.61 -5.65 1.84
C TRP A 141 26.77 -4.31 1.07
N ALA A 142 28.00 -3.82 0.98
CA ALA A 142 28.29 -2.56 0.31
C ALA A 142 28.08 -2.73 -1.17
N TYR A 143 28.56 -3.85 -1.71
CA TYR A 143 28.45 -4.06 -3.14
C TYR A 143 27.00 -4.20 -3.55
N TYR A 144 26.18 -4.84 -2.73
CA TYR A 144 24.80 -5.13 -3.14
C TYR A 144 23.91 -3.92 -2.92
N SER A 145 24.04 -3.32 -1.74
CA SER A 145 23.09 -2.35 -1.24
C SER A 145 23.34 -0.92 -1.70
N SER A 146 24.47 -0.66 -2.33
CA SER A 146 24.85 0.73 -2.55
C SER A 146 24.39 1.29 -3.87
N GLY A 147 24.36 2.61 -3.94
CA GLY A 147 24.04 3.30 -5.18
C GLY A 147 25.10 4.35 -5.45
N ALA A 148 24.92 5.04 -6.56
CA ALA A 148 25.78 6.12 -6.98
C ALA A 148 25.66 7.35 -6.08
N ASN A 149 26.81 7.97 -5.83
CA ASN A 149 26.91 9.19 -5.02
C ASN A 149 25.93 9.25 -3.83
N ASP A 150 25.04 10.24 -3.80
CA ASP A 150 24.16 10.43 -2.64
C ASP A 150 22.98 9.45 -2.59
N GLU A 151 22.92 8.55 -3.56
CA GLU A 151 21.91 7.51 -3.60
C GLU A 151 20.47 8.05 -3.69
N VAL A 152 20.27 9.24 -4.23
CA VAL A 152 18.90 9.73 -4.32
C VAL A 152 18.09 9.00 -5.38
N THR A 153 18.68 8.76 -6.55
CA THR A 153 17.94 8.08 -7.62
C THR A 153 17.46 6.69 -7.19
N HIS A 154 18.35 5.99 -6.49
CA HIS A 154 18.08 4.69 -5.93
C HIS A 154 16.80 4.67 -5.07
N ARG A 155 16.69 5.61 -4.13
CA ARG A 155 15.53 5.67 -3.25
C ARG A 155 14.30 6.18 -4.00
N GLU A 156 14.53 7.19 -4.84
CA GLU A 156 13.51 7.78 -5.70
C GLU A 156 12.81 6.75 -6.59
N ASN A 157 13.59 5.80 -7.16
CA ASN A 157 13.01 4.70 -7.92
C ASN A 157 11.83 4.10 -7.19
N HIS A 158 11.98 3.92 -5.89
CA HIS A 158 10.95 3.31 -5.07
C HIS A 158 9.82 4.29 -4.73
N ASN A 159 10.19 5.49 -4.29
CA ASN A 159 9.22 6.43 -3.77
C ASN A 159 8.24 6.89 -4.81
N ALA A 160 8.68 6.95 -6.07
CA ALA A 160 7.85 7.47 -7.14
C ALA A 160 6.61 6.61 -7.35
N TYR A 161 6.72 5.32 -7.04
CA TYR A 161 5.58 4.43 -7.05
C TYR A 161 4.47 4.94 -6.14
N HIS A 162 4.87 5.66 -5.09
CA HIS A 162 3.95 6.13 -4.07
C HIS A 162 3.26 7.44 -4.47
N ARG A 163 3.66 7.99 -5.61
CA ARG A 163 2.97 9.14 -6.18
C ARG A 163 1.80 8.67 -7.04
N ILE A 164 1.61 7.35 -7.12
CA ILE A 164 0.51 6.76 -7.85
C ILE A 164 -0.43 6.05 -6.90
N PHE A 165 -1.71 6.37 -6.99
CA PHE A 165 -2.75 5.64 -6.26
C PHE A 165 -3.65 4.85 -7.20
N PHE A 166 -4.53 4.03 -6.63
CA PHE A 166 -5.38 3.11 -7.37
C PHE A 166 -6.83 3.59 -7.44
N LYS A 167 -7.53 3.16 -8.49
CA LYS A 167 -8.95 3.40 -8.65
C LYS A 167 -9.66 2.06 -8.82
N PRO A 168 -9.72 1.27 -7.76
CA PRO A 168 -10.14 -0.13 -7.89
C PRO A 168 -11.61 -0.30 -8.24
N LYS A 169 -11.89 -1.30 -9.07
CA LYS A 169 -13.25 -1.65 -9.47
C LYS A 169 -13.83 -2.59 -8.44
N ILE A 170 -15.09 -2.34 -8.06
CA ILE A 170 -15.78 -3.11 -7.05
C ILE A 170 -16.89 -3.97 -7.67
N LEU A 171 -17.32 -4.99 -6.94
CA LEU A 171 -18.40 -5.86 -7.38
C LEU A 171 -18.15 -6.45 -8.79
N VAL A 172 -16.91 -6.92 -8.97
CA VAL A 172 -16.49 -7.66 -10.15
C VAL A 172 -16.14 -9.06 -9.71
N ASP A 173 -16.43 -10.06 -10.54
CA ASP A 173 -16.14 -11.46 -10.23
C ASP A 173 -14.64 -11.70 -10.25
N VAL A 174 -14.06 -11.90 -9.07
CA VAL A 174 -12.61 -12.03 -8.94
C VAL A 174 -12.25 -13.36 -8.24
N ARG A 175 -13.12 -14.35 -8.39
CA ARG A 175 -12.88 -15.72 -7.93
C ARG A 175 -11.58 -16.30 -8.51
N LYS A 176 -11.37 -16.13 -9.81
CA LYS A 176 -10.19 -16.66 -10.49
C LYS A 176 -9.42 -15.51 -11.10
N VAL A 177 -8.10 -15.59 -11.01
CA VAL A 177 -7.21 -14.51 -11.38
C VAL A 177 -5.98 -15.13 -12.02
N ASP A 178 -5.45 -14.53 -13.07
CA ASP A 178 -4.29 -15.09 -13.76
C ASP A 178 -3.27 -14.00 -14.02
N ILE A 179 -2.05 -14.23 -13.57
CA ILE A 179 -1.00 -13.22 -13.67
C ILE A 179 0.10 -13.58 -14.67
N SER A 180 -0.12 -14.64 -15.44
CA SER A 180 0.82 -15.02 -16.49
C SER A 180 0.72 -14.03 -17.66
N THR A 181 1.79 -13.96 -18.46
CA THR A 181 1.81 -13.04 -19.59
C THR A 181 2.87 -13.53 -20.56
N ASP A 182 3.20 -12.74 -21.56
CA ASP A 182 4.29 -13.10 -22.44
C ASP A 182 5.37 -12.03 -22.39
N MET A 183 6.62 -12.44 -22.59
CA MET A 183 7.73 -11.50 -22.66
C MET A 183 8.66 -11.97 -23.76
N LEU A 184 9.00 -11.07 -24.69
CA LEU A 184 9.94 -11.39 -25.78
C LEU A 184 9.65 -12.75 -26.47
N GLY A 185 8.39 -12.97 -26.84
CA GLY A 185 8.03 -14.20 -27.53
C GLY A 185 7.85 -15.47 -26.71
N SER A 186 8.13 -15.43 -25.39
CA SER A 186 7.94 -16.62 -24.53
C SER A 186 6.77 -16.43 -23.56
N HIS A 187 6.12 -17.52 -23.20
CA HIS A 187 5.11 -17.49 -22.15
C HIS A 187 5.77 -17.52 -20.78
N VAL A 188 5.23 -16.72 -19.87
CA VAL A 188 5.82 -16.48 -18.56
C VAL A 188 4.73 -16.63 -17.50
N ASP A 189 5.01 -17.33 -16.40
CA ASP A 189 4.01 -17.54 -15.33
C ASP A 189 3.66 -16.25 -14.59
N VAL A 190 4.49 -15.24 -14.77
CA VAL A 190 4.50 -14.12 -13.85
C VAL A 190 4.91 -12.86 -14.64
N PRO A 191 4.49 -11.67 -14.19
CA PRO A 191 4.82 -10.44 -14.91
C PRO A 191 6.13 -9.79 -14.49
N PHE A 192 6.90 -10.47 -13.64
CA PHE A 192 8.16 -9.93 -13.15
C PHE A 192 9.31 -10.86 -13.44
N TYR A 193 10.53 -10.34 -13.37
CA TYR A 193 11.71 -11.15 -13.60
C TYR A 193 12.84 -10.71 -12.67
N VAL A 194 13.90 -11.52 -12.62
CA VAL A 194 15.10 -11.23 -11.84
C VAL A 194 16.12 -10.57 -12.75
N SER A 195 16.43 -9.30 -12.49
CA SER A 195 17.40 -8.57 -13.30
C SER A 195 18.84 -9.05 -13.04
N ALA A 196 19.74 -8.65 -13.92
CA ALA A 196 21.15 -9.03 -13.81
C ALA A 196 21.81 -8.33 -12.65
N THR A 197 22.48 -9.14 -11.81
CA THR A 197 23.30 -8.63 -10.74
C THR A 197 24.60 -9.37 -10.84
N GLY A 198 25.72 -8.65 -10.91
CA GLY A 198 27.02 -9.30 -10.87
C GLY A 198 27.42 -9.81 -9.49
N LEU A 199 28.36 -10.76 -9.48
CA LEU A 199 29.05 -11.25 -8.27
C LEU A 199 28.17 -11.86 -7.17
N CYS A 200 27.13 -12.58 -7.58
CA CYS A 200 26.23 -13.31 -6.67
C CYS A 200 26.93 -14.32 -5.72
N LYS A 201 28.23 -14.55 -5.90
CA LYS A 201 28.94 -15.44 -4.98
C LYS A 201 29.39 -14.75 -3.69
N LEU A 202 29.40 -13.41 -3.69
CA LEU A 202 29.69 -12.65 -2.47
C LEU A 202 28.67 -12.96 -1.38
N GLY A 203 27.42 -13.10 -1.79
CA GLY A 203 26.31 -13.39 -0.88
C GLY A 203 26.04 -14.88 -0.72
N ASN A 204 26.20 -15.64 -1.80
CA ASN A 204 26.05 -17.10 -1.78
C ASN A 204 27.35 -17.74 -2.30
N PRO A 205 28.34 -17.86 -1.41
CA PRO A 205 29.68 -18.36 -1.77
C PRO A 205 29.73 -19.69 -2.53
N LEU A 206 28.89 -20.66 -2.13
CA LEU A 206 28.87 -21.99 -2.72
C LEU A 206 28.20 -22.11 -4.11
N GLU A 207 27.17 -21.32 -4.38
CA GLU A 207 26.31 -21.59 -5.54
C GLU A 207 26.07 -20.38 -6.43
N GLY A 208 26.07 -19.21 -5.80
CA GLY A 208 25.88 -17.94 -6.50
C GLY A 208 24.69 -17.94 -7.43
N GLU A 209 24.94 -17.62 -8.70
CA GLU A 209 23.90 -17.46 -9.70
C GLU A 209 23.15 -18.76 -10.00
N LYS A 210 23.80 -19.90 -9.73
CA LYS A 210 23.18 -21.22 -9.96
C LYS A 210 21.96 -21.41 -9.07
N ASP A 211 22.01 -20.83 -7.86
CA ASP A 211 20.89 -20.95 -6.94
C ASP A 211 19.71 -20.07 -7.32
N VAL A 212 19.95 -18.99 -8.04
CA VAL A 212 18.81 -18.22 -8.51
C VAL A 212 18.20 -18.91 -9.72
N ALA A 213 19.03 -19.52 -10.55
CA ALA A 213 18.55 -20.36 -11.64
C ALA A 213 17.62 -21.44 -11.08
N ARG A 214 18.04 -22.05 -9.97
CA ARG A 214 17.27 -23.09 -9.35
C ARG A 214 15.97 -22.53 -8.75
N GLY A 215 16.08 -21.45 -7.98
CA GLY A 215 14.91 -20.79 -7.43
C GLY A 215 13.91 -20.30 -8.47
N CYS A 216 14.40 -19.78 -9.59
CA CYS A 216 13.52 -19.29 -10.64
C CYS A 216 12.77 -20.40 -11.36
N GLY A 217 13.36 -21.61 -11.41
CA GLY A 217 12.82 -22.67 -12.24
C GLY A 217 12.31 -23.93 -11.58
N GLN A 218 12.59 -24.10 -10.29
CA GLN A 218 12.22 -25.33 -9.60
C GLN A 218 10.72 -25.53 -9.32
N GLY A 219 10.04 -24.52 -8.79
CA GLY A 219 8.69 -24.70 -8.26
C GLY A 219 7.58 -24.57 -9.27
N VAL A 220 6.32 -24.55 -8.79
CA VAL A 220 5.16 -24.41 -9.67
C VAL A 220 5.14 -23.10 -10.41
N THR A 221 5.63 -22.04 -9.78
CA THR A 221 5.74 -20.73 -10.42
C THR A 221 7.18 -20.51 -10.91
N LYS A 222 7.33 -20.30 -12.22
CA LYS A 222 8.63 -20.04 -12.82
C LYS A 222 8.82 -18.58 -13.27
N VAL A 223 10.03 -18.05 -13.03
CA VAL A 223 10.33 -16.64 -13.24
C VAL A 223 11.54 -16.51 -14.15
N PRO A 224 11.50 -15.59 -15.13
CA PRO A 224 12.65 -15.38 -16.03
C PRO A 224 13.84 -14.90 -15.23
N GLN A 225 15.04 -15.33 -15.62
CA GLN A 225 16.26 -14.88 -14.99
C GLN A 225 17.15 -14.26 -16.04
N MET A 226 17.66 -13.06 -15.73
CA MET A 226 18.63 -12.39 -16.57
C MET A 226 20.00 -12.62 -15.98
N ILE A 227 20.90 -13.18 -16.78
CA ILE A 227 22.23 -13.54 -16.32
C ILE A 227 23.15 -12.39 -16.63
N SER A 228 23.89 -11.93 -15.62
CA SER A 228 24.86 -10.83 -15.76
C SER A 228 26.15 -11.27 -16.40
N THR A 229 26.71 -10.38 -17.22
CA THR A 229 28.08 -10.52 -17.73
C THR A 229 29.10 -10.54 -16.58
N ALA A 230 28.80 -9.86 -15.48
CA ALA A 230 29.65 -9.86 -14.31
C ALA A 230 29.21 -10.94 -13.31
N ALA A 231 28.54 -11.98 -13.82
CA ALA A 231 28.17 -13.10 -12.96
C ALA A 231 29.43 -13.79 -12.46
N SER A 232 29.35 -14.23 -11.23
CA SER A 232 30.47 -14.87 -10.62
C SER A 232 30.60 -16.31 -11.16
N CYS A 233 29.48 -16.98 -11.44
CA CYS A 233 29.50 -18.24 -12.18
C CYS A 233 29.54 -18.01 -13.69
N SER A 234 29.87 -19.09 -14.43
CA SER A 234 29.90 -19.08 -15.90
C SER A 234 28.50 -19.24 -16.49
N PRO A 235 28.26 -18.72 -17.70
CA PRO A 235 26.98 -18.91 -18.36
C PRO A 235 26.64 -20.39 -18.38
N GLU A 236 27.57 -21.23 -18.81
CA GLU A 236 27.30 -22.67 -18.92
C GLU A 236 26.84 -23.29 -17.59
N GLU A 237 27.57 -23.00 -16.51
CA GLU A 237 27.17 -23.41 -15.15
C GLU A 237 25.72 -23.05 -14.80
N ILE A 238 25.34 -21.81 -15.11
CA ILE A 238 24.04 -21.26 -14.73
C ILE A 238 22.89 -21.85 -15.55
N ILE A 239 23.14 -22.07 -16.84
CA ILE A 239 22.17 -22.68 -17.74
C ILE A 239 21.99 -24.16 -17.44
N GLU A 240 23.11 -24.86 -17.27
CA GLU A 240 23.08 -26.25 -16.84
C GLU A 240 22.26 -26.37 -15.57
N ALA A 241 22.46 -25.44 -14.63
CA ALA A 241 21.81 -25.51 -13.32
C ALA A 241 20.27 -25.43 -13.34
N ALA A 242 19.72 -24.81 -14.39
CA ALA A 242 18.27 -24.67 -14.55
C ALA A 242 17.50 -26.00 -14.49
N PRO A 243 16.71 -26.19 -13.43
CA PRO A 243 15.93 -27.42 -13.27
C PRO A 243 14.74 -27.64 -14.23
N SER A 244 14.40 -26.67 -15.09
CA SER A 244 13.23 -26.78 -15.95
C SER A 244 13.38 -26.32 -17.41
N ASP A 245 12.95 -27.16 -18.35
CA ASP A 245 12.99 -26.82 -19.78
C ASP A 245 12.17 -25.59 -20.13
N LYS A 246 11.07 -25.38 -19.41
CA LYS A 246 10.14 -24.28 -19.70
C LYS A 246 10.53 -22.94 -19.04
N GLN A 247 11.68 -22.93 -18.37
CA GLN A 247 12.12 -21.75 -17.63
C GLN A 247 12.97 -20.84 -18.50
N ILE A 248 12.76 -19.54 -18.37
CA ILE A 248 13.37 -18.57 -19.27
C ILE A 248 14.65 -17.99 -18.68
N GLN A 249 15.73 -18.16 -19.42
CA GLN A 249 16.94 -17.47 -19.09
C GLN A 249 17.32 -16.47 -20.17
N TRP A 250 17.66 -15.26 -19.75
CA TRP A 250 18.05 -14.20 -20.64
C TRP A 250 19.47 -13.84 -20.32
N TYR A 251 20.14 -13.22 -21.28
CA TYR A 251 21.52 -12.86 -21.09
C TYR A 251 21.80 -11.35 -21.09
N GLN A 252 22.53 -10.88 -20.08
CA GLN A 252 22.90 -9.47 -20.03
C GLN A 252 24.27 -9.25 -20.58
N LEU A 253 24.36 -8.32 -21.51
CA LEU A 253 25.58 -8.11 -22.26
C LEU A 253 26.19 -6.74 -21.97
N TYR A 254 27.50 -6.74 -21.75
CA TYR A 254 28.27 -5.50 -21.78
C TYR A 254 29.15 -5.65 -23.00
N VAL A 255 29.06 -4.72 -23.95
CA VAL A 255 29.91 -4.89 -25.12
C VAL A 255 31.34 -4.39 -24.83
N ASN A 256 32.29 -5.28 -25.10
CA ASN A 256 33.71 -5.06 -24.87
C ASN A 256 34.25 -4.09 -25.94
N SER A 257 35.32 -3.38 -25.63
CA SER A 257 36.02 -2.57 -26.63
C SER A 257 36.59 -3.46 -27.73
N ASP A 258 37.03 -4.65 -27.31
CA ASP A 258 37.43 -5.70 -28.21
C ASP A 258 36.16 -6.43 -28.58
N ARG A 259 35.63 -6.13 -29.76
CA ARG A 259 34.33 -6.63 -30.20
C ARG A 259 34.33 -8.12 -30.55
N LYS A 260 35.50 -8.69 -30.77
CA LYS A 260 35.57 -10.11 -30.98
C LYS A 260 35.15 -10.87 -29.73
N ILE A 261 35.58 -10.38 -28.57
CA ILE A 261 35.14 -11.01 -27.34
C ILE A 261 33.60 -11.00 -27.27
N THR A 262 32.99 -9.84 -27.51
CA THR A 262 31.53 -9.74 -27.52
C THR A 262 30.89 -10.66 -28.56
N ASP A 263 31.50 -10.76 -29.74
CA ASP A 263 31.02 -11.64 -30.81
C ASP A 263 31.02 -13.10 -30.40
N ASP A 264 32.13 -13.58 -29.83
CA ASP A 264 32.21 -14.95 -29.29
C ASP A 264 31.17 -15.19 -28.20
N LEU A 265 31.03 -14.22 -27.30
CA LEU A 265 30.09 -14.30 -26.18
C LEU A 265 28.65 -14.46 -26.65
N VAL A 266 28.23 -13.64 -27.62
CA VAL A 266 26.87 -13.69 -28.14
C VAL A 266 26.60 -15.03 -28.80
N LYS A 267 27.60 -15.55 -29.53
CA LYS A 267 27.46 -16.83 -30.23
C LYS A 267 27.36 -17.99 -29.23
N ASN A 268 28.17 -17.90 -28.18
CA ASN A 268 28.15 -18.87 -27.09
C ASN A 268 26.83 -18.94 -26.32
N VAL A 269 26.28 -17.80 -25.91
CA VAL A 269 25.03 -17.81 -25.11
C VAL A 269 23.79 -18.13 -25.94
N GLU A 270 23.79 -17.72 -27.20
CA GLU A 270 22.76 -18.12 -28.17
C GLU A 270 22.76 -19.64 -28.32
N LYS A 271 23.95 -20.21 -28.49
CA LYS A 271 24.11 -21.65 -28.59
C LYS A 271 23.74 -22.35 -27.28
N LEU A 272 24.11 -21.75 -26.14
CA LEU A 272 23.71 -22.29 -24.85
C LEU A 272 22.20 -22.20 -24.60
N GLY A 273 21.48 -21.51 -25.49
CA GLY A 273 20.04 -21.45 -25.44
C GLY A 273 19.34 -20.35 -24.64
N VAL A 274 20.06 -19.27 -24.28
CA VAL A 274 19.39 -18.10 -23.69
C VAL A 274 18.35 -17.58 -24.68
N LYS A 275 17.37 -16.84 -24.19
CA LYS A 275 16.24 -16.45 -25.04
C LYS A 275 16.19 -14.98 -25.48
N ALA A 276 17.11 -14.16 -25.00
CA ALA A 276 17.21 -12.76 -25.43
C ALA A 276 18.48 -12.07 -24.95
N LEU A 277 18.85 -10.97 -25.60
CA LEU A 277 20.00 -10.18 -25.19
C LEU A 277 19.60 -8.83 -24.66
N PHE A 278 19.95 -8.58 -23.41
CA PHE A 278 19.80 -7.26 -22.80
C PHE A 278 21.16 -6.58 -22.87
N VAL A 279 21.26 -5.61 -23.76
CA VAL A 279 22.52 -4.86 -23.91
C VAL A 279 22.48 -3.66 -22.98
N THR A 280 23.41 -3.63 -22.03
CA THR A 280 23.39 -2.58 -21.01
C THR A 280 24.13 -1.34 -21.49
N VAL A 281 23.40 -0.24 -21.51
CA VAL A 281 23.87 1.01 -22.13
C VAL A 281 24.03 2.18 -21.15
N ASP A 282 23.72 1.95 -19.87
CA ASP A 282 23.71 3.03 -18.88
C ASP A 282 24.94 3.05 -17.99
N ALA A 283 26.01 2.40 -18.46
CA ALA A 283 27.23 2.30 -17.66
C ALA A 283 28.52 2.35 -18.50
N PRO A 284 28.63 3.31 -19.42
CA PRO A 284 29.87 3.49 -20.16
C PRO A 284 30.99 3.88 -19.22
N SER A 285 30.67 4.66 -18.20
CA SER A 285 31.56 5.00 -17.09
C SER A 285 30.98 4.30 -15.86
N LEU A 286 31.83 3.85 -14.94
CA LEU A 286 31.35 3.13 -13.74
C LEU A 286 30.83 4.09 -12.66
N GLY A 287 29.57 3.94 -12.26
CA GLY A 287 28.99 4.75 -11.18
C GLY A 287 29.78 4.65 -9.89
N GLN A 288 29.97 5.78 -9.22
CA GLN A 288 30.76 5.87 -8.00
C GLN A 288 29.93 5.49 -6.75
N ARG A 289 30.13 4.26 -6.27
CA ARG A 289 29.35 3.72 -5.18
C ARG A 289 30.15 3.85 -3.89
N GLU A 290 29.92 4.94 -3.18
CA GLU A 290 30.79 5.37 -2.10
C GLU A 290 30.82 4.48 -0.86
N LYS A 291 29.77 3.71 -0.62
CA LYS A 291 29.82 2.72 0.46
C LYS A 291 30.94 1.69 0.22
N ASP A 292 31.12 1.32 -1.06
CA ASP A 292 32.17 0.40 -1.49
C ASP A 292 33.56 0.98 -1.26
N MET A 293 33.76 2.20 -1.73
CA MET A 293 35.01 2.91 -1.55
C MET A 293 35.36 3.13 -0.08
N LYS A 294 34.35 3.36 0.77
CA LYS A 294 34.54 3.65 2.20
C LYS A 294 35.14 2.46 2.96
N LEU A 295 35.08 1.28 2.35
CA LEU A 295 35.65 0.09 2.95
C LEU A 295 37.12 -0.02 2.57
N LYS A 296 37.37 -0.06 1.25
CA LYS A 296 38.71 -0.16 0.68
C LYS A 296 39.77 0.65 1.45
N PHE A 297 39.54 1.96 1.63
CA PHE A 297 40.35 2.74 2.59
C PHE A 297 39.72 2.65 3.98
N SER A 298 40.50 2.19 4.96
CA SER A 298 39.97 1.96 6.31
C SER A 298 39.23 0.62 6.25
N ASN A 299 40.01 -0.43 5.94
CA ASN A 299 39.53 -1.81 5.70
C ASN A 299 40.58 -2.56 4.82
N THR A 300 40.42 -3.88 4.70
N ALA A 321 37.77 4.58 -13.70
CA ALA A 321 36.31 4.54 -13.89
C ALA A 321 35.90 4.11 -15.30
N LEU A 322 36.77 4.36 -16.27
CA LEU A 322 36.66 3.75 -17.59
C LEU A 322 37.34 2.39 -17.64
N SER A 323 36.73 1.43 -18.32
CA SER A 323 37.37 0.12 -18.53
C SER A 323 37.26 -0.35 -19.98
N LYS A 324 38.15 -1.24 -20.40
CA LYS A 324 38.09 -1.80 -21.75
C LYS A 324 36.98 -2.85 -21.85
N PHE A 325 36.62 -3.36 -20.68
CA PHE A 325 35.58 -4.38 -20.51
C PHE A 325 34.20 -3.87 -20.92
N ILE A 326 33.87 -2.63 -20.56
CA ILE A 326 32.63 -2.00 -20.99
C ILE A 326 33.01 -0.82 -21.87
N ASP A 327 32.74 -0.92 -23.16
CA ASP A 327 33.19 0.07 -24.13
C ASP A 327 32.36 1.35 -24.08
N PRO A 328 32.98 2.47 -23.70
CA PRO A 328 32.25 3.74 -23.59
C PRO A 328 31.88 4.31 -24.96
N SER A 329 32.24 3.60 -26.04
CA SER A 329 32.02 4.09 -27.39
C SER A 329 30.74 3.58 -27.98
N LEU A 330 30.16 2.58 -27.34
CA LEU A 330 28.93 1.98 -27.84
C LEU A 330 28.00 3.03 -28.44
N THR A 331 27.47 2.74 -29.62
CA THR A 331 26.66 3.69 -30.40
C THR A 331 25.39 3.01 -30.91
N TRP A 332 24.43 3.80 -31.38
CA TRP A 332 23.26 3.29 -32.07
C TRP A 332 23.59 2.39 -33.25
N LYS A 333 24.65 2.72 -33.99
CA LYS A 333 25.10 1.88 -35.10
C LYS A 333 25.49 0.50 -34.59
N ASP A 334 26.21 0.48 -33.47
CA ASP A 334 26.66 -0.77 -32.89
C ASP A 334 25.51 -1.69 -32.54
N ILE A 335 24.39 -1.12 -32.12
CA ILE A 335 23.25 -1.96 -31.81
C ILE A 335 22.64 -2.50 -33.09
N GLU A 336 22.63 -1.66 -34.12
CA GLU A 336 22.09 -2.04 -35.44
C GLU A 336 22.87 -3.22 -36.01
N GLU A 337 24.19 -3.13 -35.95
CA GLU A 337 25.09 -4.19 -36.38
C GLU A 337 24.88 -5.48 -35.59
N LEU A 338 24.73 -5.35 -34.28
CA LEU A 338 24.53 -6.48 -33.38
C LEU A 338 23.32 -7.32 -33.78
N LYS A 339 22.28 -6.67 -34.28
CA LYS A 339 21.05 -7.41 -34.57
C LYS A 339 21.10 -8.23 -35.86
N LYS A 340 22.08 -7.93 -36.70
CA LYS A 340 22.36 -8.71 -37.89
C LYS A 340 23.25 -9.92 -37.57
N LYS A 341 23.76 -9.98 -36.34
CA LYS A 341 24.71 -11.01 -35.93
C LYS A 341 24.09 -12.09 -35.04
N THR A 342 22.78 -12.00 -34.82
CA THR A 342 22.06 -12.92 -33.91
C THR A 342 20.57 -12.92 -34.18
N LYS A 343 19.93 -14.08 -33.97
CA LYS A 343 18.47 -14.16 -34.12
C LYS A 343 17.73 -13.90 -32.80
N LEU A 344 18.48 -13.70 -31.71
CA LEU A 344 17.88 -13.41 -30.41
C LEU A 344 17.29 -12.01 -30.36
N PRO A 345 16.11 -11.88 -29.75
CA PRO A 345 15.53 -10.55 -29.48
C PRO A 345 16.52 -9.73 -28.65
N ILE A 346 16.69 -8.47 -29.05
CA ILE A 346 17.61 -7.55 -28.37
C ILE A 346 16.83 -6.51 -27.58
N VAL A 347 17.26 -6.30 -26.34
CA VAL A 347 16.67 -5.26 -25.50
C VAL A 347 17.73 -4.24 -25.08
N ILE A 348 17.44 -2.96 -25.29
CA ILE A 348 18.33 -1.93 -24.78
C ILE A 348 18.04 -1.63 -23.29
N LYS A 349 18.98 -1.98 -22.42
CA LYS A 349 18.83 -1.81 -20.98
C LYS A 349 19.55 -0.57 -20.42
N GLY A 350 18.75 0.35 -19.88
CA GLY A 350 19.27 1.54 -19.27
C GLY A 350 18.77 2.77 -19.96
N VAL A 351 17.57 2.69 -20.53
CA VAL A 351 16.97 3.82 -21.20
C VAL A 351 16.36 4.76 -20.15
N GLN A 352 16.68 6.04 -20.23
CA GLN A 352 16.34 6.97 -19.17
C GLN A 352 15.50 8.14 -19.67
N ARG A 353 15.07 8.08 -20.92
CA ARG A 353 14.21 9.12 -21.48
C ARG A 353 13.43 8.64 -22.71
N THR A 354 12.27 9.25 -22.93
CA THR A 354 11.37 8.90 -24.03
C THR A 354 12.03 9.05 -25.39
N GLU A 355 12.92 10.05 -25.53
CA GLU A 355 13.55 10.29 -26.83
C GLU A 355 14.32 9.02 -27.27
N ASP A 356 14.99 8.37 -26.32
CA ASP A 356 15.69 7.13 -26.63
C ASP A 356 14.77 5.91 -26.81
N VAL A 357 13.57 5.95 -26.23
CA VAL A 357 12.62 4.87 -26.50
C VAL A 357 12.20 4.92 -27.98
N ILE A 358 11.94 6.13 -28.47
CA ILE A 358 11.54 6.33 -29.86
C ILE A 358 12.66 5.87 -30.79
N LYS A 359 13.89 6.25 -30.45
CA LYS A 359 15.09 5.82 -31.15
C LYS A 359 15.26 4.31 -31.20
N ALA A 360 14.93 3.63 -30.11
CA ALA A 360 15.03 2.17 -30.08
C ALA A 360 14.06 1.56 -31.09
N ALA A 361 12.84 2.08 -31.13
CA ALA A 361 11.81 1.60 -32.05
C ALA A 361 12.25 1.82 -33.50
N GLU A 362 12.88 2.97 -33.75
CA GLU A 362 13.30 3.30 -35.09
C GLU A 362 14.30 2.28 -35.65
N ILE A 363 15.34 1.96 -34.89
CA ILE A 363 16.26 0.88 -35.28
C ILE A 363 15.65 -0.54 -35.17
N GLY A 364 14.40 -0.64 -34.73
CA GLY A 364 13.68 -1.90 -34.78
C GLY A 364 14.14 -2.98 -33.83
N VAL A 365 14.72 -2.58 -32.71
CA VAL A 365 15.09 -3.53 -31.69
C VAL A 365 13.79 -4.04 -30.99
N SER A 366 13.87 -5.11 -30.18
CA SER A 366 12.66 -5.75 -29.65
C SER A 366 12.04 -5.02 -28.48
N GLY A 367 12.88 -4.39 -27.69
CA GLY A 367 12.42 -3.78 -26.46
C GLY A 367 13.48 -2.95 -25.81
N VAL A 368 13.06 -2.36 -24.70
CA VAL A 368 13.81 -1.34 -24.02
C VAL A 368 13.57 -1.65 -22.54
N VAL A 369 14.57 -1.50 -21.69
CA VAL A 369 14.33 -1.46 -20.25
C VAL A 369 14.54 -0.03 -19.79
N LEU A 370 13.46 0.58 -19.33
CA LEU A 370 13.57 1.86 -18.68
C LEU A 370 14.17 1.59 -17.31
N SER A 371 15.41 2.02 -17.14
CA SER A 371 16.19 1.61 -15.99
C SER A 371 17.31 2.59 -15.83
N ASN A 372 17.80 2.72 -14.60
CA ASN A 372 18.99 3.50 -14.32
C ASN A 372 19.98 2.67 -13.50
N HIS A 373 19.93 1.34 -13.67
CA HIS A 373 20.90 0.43 -13.05
C HIS A 373 20.72 0.39 -11.52
N GLY A 374 19.48 0.51 -11.06
CA GLY A 374 19.20 0.55 -9.63
C GLY A 374 19.80 1.72 -8.87
N GLY A 375 19.98 2.85 -9.53
CA GLY A 375 20.56 4.01 -8.89
C GLY A 375 22.05 3.86 -8.66
N ARG A 376 22.69 2.98 -9.41
CA ARG A 376 24.12 2.77 -9.27
C ARG A 376 24.94 3.54 -10.27
N GLN A 377 24.32 4.34 -11.13
CA GLN A 377 25.10 5.01 -12.16
C GLN A 377 25.01 6.54 -12.09
N LEU A 378 24.13 7.13 -12.88
CA LEU A 378 23.85 8.56 -12.77
C LEU A 378 22.92 8.83 -11.59
N ASP A 379 23.35 9.61 -10.61
CA ASP A 379 22.40 10.12 -9.64
C ASP A 379 21.62 11.28 -10.20
N PHE A 380 20.32 11.31 -9.94
CA PHE A 380 19.34 12.26 -10.52
C PHE A 380 18.84 11.85 -11.90
N SER A 381 19.03 10.58 -12.23
CA SER A 381 18.19 9.97 -13.24
C SER A 381 16.83 9.81 -12.57
N ARG A 382 15.76 10.02 -13.34
CA ARG A 382 14.40 9.90 -12.84
C ARG A 382 14.07 8.49 -12.46
N ALA A 383 13.05 8.34 -11.63
CA ALA A 383 12.38 7.06 -11.44
C ALA A 383 11.85 6.50 -12.78
N PRO A 384 12.26 5.28 -13.15
CA PRO A 384 11.70 4.65 -14.35
C PRO A 384 10.17 4.60 -14.40
N ILE A 385 9.49 4.53 -13.25
CA ILE A 385 8.04 4.49 -13.28
C ILE A 385 7.50 5.80 -13.83
N GLU A 386 8.24 6.88 -13.60
CA GLU A 386 7.85 8.17 -14.09
C GLU A 386 8.06 8.27 -15.60
N VAL A 387 9.18 7.73 -16.07
CA VAL A 387 9.49 7.74 -17.50
C VAL A 387 8.47 6.88 -18.26
N LEU A 388 8.14 5.71 -17.70
CA LEU A 388 7.08 4.86 -18.21
C LEU A 388 5.78 5.63 -18.48
N ALA A 389 5.34 6.39 -17.48
CA ALA A 389 4.09 7.13 -17.53
C ALA A 389 4.10 8.17 -18.66
N GLU A 390 5.27 8.78 -18.85
CA GLU A 390 5.50 9.76 -19.92
C GLU A 390 5.59 9.05 -21.27
N THR A 391 6.26 7.90 -21.29
CA THR A 391 6.60 7.24 -22.54
C THR A 391 5.44 6.53 -23.27
N MET A 392 4.67 5.74 -22.54
CA MET A 392 3.68 4.89 -23.18
C MET A 392 2.61 5.63 -23.96
N PRO A 393 2.02 6.69 -23.40
CA PRO A 393 1.08 7.50 -24.18
C PRO A 393 1.74 8.02 -25.46
N ILE A 394 2.98 8.50 -25.40
CA ILE A 394 3.69 8.97 -26.59
C ILE A 394 3.89 7.83 -27.62
N LEU A 395 3.96 6.59 -27.13
CA LEU A 395 4.06 5.43 -28.00
C LEU A 395 2.72 5.00 -28.62
N GLU A 396 1.62 5.63 -28.19
CA GLU A 396 0.31 5.47 -28.85
C GLU A 396 0.19 6.55 -29.92
N GLN A 397 0.26 7.81 -29.48
CA GLN A 397 0.38 9.01 -30.32
C GLN A 397 1.15 8.85 -31.65
N ARG A 398 2.11 7.93 -31.68
CA ARG A 398 2.98 7.72 -32.84
C ARG A 398 2.79 6.36 -33.51
N ASN A 399 1.82 5.58 -33.01
CA ASN A 399 1.47 4.27 -33.56
C ASN A 399 2.27 3.12 -32.98
N LEU A 400 3.54 3.39 -32.65
CA LEU A 400 4.52 2.42 -32.15
C LEU A 400 4.07 1.56 -30.96
N LYS A 401 2.77 1.62 -30.68
CA LYS A 401 2.10 0.85 -29.62
C LYS A 401 2.83 -0.41 -29.16
N ASP A 402 2.83 -1.43 -30.01
CA ASP A 402 3.32 -2.76 -29.64
C ASP A 402 4.44 -3.18 -30.59
N LYS A 403 5.24 -2.18 -30.98
CA LYS A 403 6.43 -2.42 -31.79
C LYS A 403 7.62 -2.73 -30.87
N LEU A 404 7.53 -2.24 -29.64
CA LEU A 404 8.62 -2.30 -28.68
C LEU A 404 8.08 -2.73 -27.33
N GLU A 405 8.61 -3.81 -26.77
CA GLU A 405 8.20 -4.23 -25.43
C GLU A 405 8.95 -3.38 -24.41
N VAL A 406 8.20 -2.74 -23.50
CA VAL A 406 8.82 -1.82 -22.53
C VAL A 406 8.86 -2.38 -21.12
N PHE A 407 10.08 -2.60 -20.63
CA PHE A 407 10.31 -3.12 -19.28
C PHE A 407 10.75 -2.02 -18.37
N VAL A 408 10.55 -2.24 -17.08
CA VAL A 408 10.88 -1.24 -16.08
C VAL A 408 11.56 -1.94 -14.91
N ASP A 409 12.58 -1.31 -14.32
CA ASP A 409 13.19 -1.83 -13.09
C ASP A 409 13.61 -0.74 -12.09
N GLY A 410 13.92 -1.16 -10.87
CA GLY A 410 14.44 -0.27 -9.86
C GLY A 410 13.39 0.09 -8.81
N GLY A 411 13.69 -0.22 -7.55
CA GLY A 411 12.88 0.22 -6.44
C GLY A 411 11.59 -0.55 -6.23
N VAL A 412 11.46 -1.66 -6.93
CA VAL A 412 10.24 -2.46 -6.87
C VAL A 412 10.36 -3.42 -5.72
N ARG A 413 9.43 -3.32 -4.77
CA ARG A 413 9.48 -4.15 -3.56
C ARG A 413 8.12 -4.76 -3.18
N ARG A 414 7.04 -4.26 -3.80
CA ARG A 414 5.70 -4.80 -3.55
C ARG A 414 4.90 -5.11 -4.81
N GLY A 415 4.01 -6.09 -4.70
CA GLY A 415 3.11 -6.42 -5.80
C GLY A 415 2.39 -5.23 -6.37
N THR A 416 1.93 -4.30 -5.52
CA THR A 416 1.24 -3.10 -6.03
C THR A 416 2.16 -2.22 -6.86
N ASP A 417 3.47 -2.24 -6.58
CA ASP A 417 4.47 -1.57 -7.43
C ASP A 417 4.45 -2.18 -8.84
N VAL A 418 4.49 -3.52 -8.88
CA VAL A 418 4.43 -4.24 -10.14
C VAL A 418 3.15 -3.90 -10.87
N LEU A 419 2.03 -3.87 -10.15
CA LEU A 419 0.74 -3.61 -10.76
C LEU A 419 0.66 -2.22 -11.41
N LYS A 420 1.19 -1.21 -10.71
CA LYS A 420 1.24 0.15 -11.20
C LYS A 420 1.98 0.21 -12.53
N ALA A 421 3.16 -0.41 -12.60
CA ALA A 421 3.95 -0.41 -13.84
C ALA A 421 3.22 -1.10 -15.01
N LEU A 422 2.56 -2.24 -14.74
CA LEU A 422 1.83 -2.96 -15.78
C LEU A 422 0.63 -2.14 -16.26
N CYS A 423 -0.05 -1.46 -15.34
CA CYS A 423 -1.16 -0.59 -15.70
C CYS A 423 -0.71 0.54 -16.65
N LEU A 424 0.54 0.98 -16.51
CA LEU A 424 1.04 2.01 -17.41
C LEU A 424 1.50 1.37 -18.72
N GLY A 425 1.65 0.05 -18.72
CA GLY A 425 1.88 -0.66 -19.96
C GLY A 425 3.24 -1.32 -20.09
N ALA A 426 3.96 -1.45 -18.98
CA ALA A 426 5.17 -2.25 -18.96
C ALA A 426 4.81 -3.66 -19.37
N LYS A 427 5.71 -4.32 -20.10
CA LYS A 427 5.52 -5.72 -20.42
C LYS A 427 5.93 -6.56 -19.22
N GLY A 428 6.98 -6.13 -18.53
CA GLY A 428 7.44 -6.82 -17.35
C GLY A 428 8.20 -5.87 -16.45
N VAL A 429 8.33 -6.28 -15.19
CA VAL A 429 8.97 -5.47 -14.14
C VAL A 429 10.09 -6.30 -13.50
N GLY A 430 11.32 -5.77 -13.50
CA GLY A 430 12.45 -6.46 -12.95
C GLY A 430 12.83 -6.02 -11.55
N LEU A 431 13.42 -6.94 -10.78
CA LEU A 431 13.94 -6.66 -9.44
C LEU A 431 15.37 -7.17 -9.36
N GLY A 432 16.23 -6.36 -8.73
CA GLY A 432 17.59 -6.76 -8.51
C GLY A 432 17.78 -7.14 -7.05
N ARG A 433 17.95 -6.12 -6.24
CA ARG A 433 18.38 -6.30 -4.87
C ARG A 433 17.54 -7.33 -4.06
N PRO A 434 16.20 -7.30 -4.13
CA PRO A 434 15.43 -8.22 -3.30
C PRO A 434 15.80 -9.68 -3.55
N PHE A 435 16.09 -10.05 -4.79
CA PHE A 435 16.48 -11.44 -5.08
C PHE A 435 17.90 -11.76 -4.63
N LEU A 436 18.81 -10.79 -4.73
CA LEU A 436 20.14 -10.93 -4.18
C LEU A 436 20.05 -11.30 -2.72
N TYR A 437 19.20 -10.57 -1.99
CA TYR A 437 19.08 -10.74 -0.54
C TYR A 437 18.51 -12.12 -0.16
N ALA A 438 17.48 -12.57 -0.87
CA ALA A 438 16.89 -13.89 -0.65
C ALA A 438 17.91 -15.00 -0.93
N ASN A 439 18.60 -14.88 -2.06
CA ASN A 439 19.64 -15.84 -2.39
C ASN A 439 20.77 -15.87 -1.35
N SER A 440 21.10 -14.71 -0.81
CA SER A 440 22.23 -14.60 0.11
C SER A 440 21.93 -15.13 1.50
N CYS A 441 20.66 -15.11 1.91
CA CYS A 441 20.27 -15.65 3.20
C CYS A 441 19.79 -17.11 3.11
N TYR A 442 19.16 -17.48 2.01
CA TYR A 442 18.43 -18.73 1.97
C TYR A 442 18.65 -19.50 0.67
N GLY A 443 19.60 -19.07 -0.14
CA GLY A 443 19.85 -19.73 -1.39
C GLY A 443 18.59 -19.93 -2.22
N ARG A 444 18.52 -21.06 -2.91
CA ARG A 444 17.48 -21.35 -3.90
C ARG A 444 16.06 -21.23 -3.36
N ASN A 445 15.80 -21.79 -2.18
CA ASN A 445 14.48 -21.72 -1.60
C ASN A 445 14.10 -20.32 -1.12
N GLY A 446 15.10 -19.51 -0.76
CA GLY A 446 14.87 -18.09 -0.55
C GLY A 446 14.35 -17.44 -1.81
N VAL A 447 15.02 -17.69 -2.93
CA VAL A 447 14.59 -17.19 -4.21
C VAL A 447 13.16 -17.64 -4.50
N GLU A 448 12.83 -18.90 -4.29
CA GLU A 448 11.45 -19.34 -4.50
C GLU A 448 10.44 -18.64 -3.59
N LYS A 449 10.81 -18.50 -2.32
CA LYS A 449 9.97 -17.77 -1.37
C LYS A 449 9.73 -16.33 -1.82
N ALA A 450 10.79 -15.68 -2.31
CA ALA A 450 10.67 -14.34 -2.83
C ALA A 450 9.68 -14.33 -4.00
N ILE A 451 9.84 -15.28 -4.91
CA ILE A 451 8.92 -15.45 -6.02
C ILE A 451 7.47 -15.67 -5.55
N GLU A 452 7.28 -16.51 -4.55
CA GLU A 452 5.94 -16.72 -3.98
C GLU A 452 5.32 -15.50 -3.28
N ILE A 453 6.11 -14.80 -2.45
CA ILE A 453 5.67 -13.59 -1.76
C ILE A 453 5.09 -12.58 -2.77
N LEU A 454 5.89 -12.28 -3.79
CA LEU A 454 5.54 -11.29 -4.83
C LEU A 454 4.37 -11.77 -5.72
N ARG A 455 4.42 -13.04 -6.10
CA ARG A 455 3.35 -13.66 -6.86
C ARG A 455 2.04 -13.48 -6.10
N ASP A 456 2.06 -13.78 -4.81
CA ASP A 456 0.84 -13.66 -4.02
C ASP A 456 0.39 -12.20 -3.84
N GLU A 457 1.36 -11.31 -3.62
CA GLU A 457 1.08 -9.89 -3.48
C GLU A 457 0.37 -9.34 -4.72
N ILE A 458 0.78 -9.85 -5.90
CA ILE A 458 0.21 -9.43 -7.17
C ILE A 458 -1.20 -9.99 -7.36
N GLU A 459 -1.39 -11.29 -7.11
CA GLU A 459 -2.70 -11.89 -7.31
C GLU A 459 -3.75 -11.29 -6.42
N MET A 460 -3.37 -11.05 -5.17
CA MET A 460 -4.27 -10.59 -4.13
C MET A 460 -4.71 -9.15 -4.34
N SER A 461 -3.80 -8.30 -4.82
CA SER A 461 -4.17 -6.94 -5.12
C SER A 461 -4.81 -6.77 -6.53
N MET A 462 -4.68 -7.77 -7.39
CA MET A 462 -5.48 -7.82 -8.63
C MET A 462 -6.97 -7.98 -8.29
N ARG A 463 -7.28 -8.89 -7.37
CA ARG A 463 -8.67 -9.13 -6.95
C ARG A 463 -9.27 -7.86 -6.41
N LEU A 464 -8.56 -7.22 -5.49
CA LEU A 464 -8.99 -5.97 -4.85
C LEU A 464 -9.03 -4.83 -5.85
N LEU A 465 -8.23 -4.92 -6.90
CA LEU A 465 -8.25 -3.95 -7.97
C LEU A 465 -9.48 -4.13 -8.86
N GLY A 466 -10.03 -5.35 -8.85
CA GLY A 466 -11.17 -5.71 -9.68
C GLY A 466 -10.90 -6.11 -11.13
N VAL A 467 -9.71 -6.63 -11.41
CA VAL A 467 -9.39 -7.24 -12.70
C VAL A 467 -8.89 -8.69 -12.56
N THR A 468 -8.88 -9.45 -13.65
CA THR A 468 -8.57 -10.89 -13.52
C THR A 468 -7.44 -11.39 -14.40
N SER A 469 -6.86 -10.50 -15.19
CA SER A 469 -5.72 -10.85 -16.02
C SER A 469 -4.79 -9.66 -16.22
N ILE A 470 -3.62 -9.91 -16.80
CA ILE A 470 -2.64 -8.87 -17.03
C ILE A 470 -3.15 -7.88 -18.08
N ALA A 471 -3.74 -8.39 -19.16
CA ALA A 471 -4.29 -7.55 -20.23
C ALA A 471 -5.36 -6.56 -19.73
N GLU A 472 -6.00 -6.90 -18.60
CA GLU A 472 -7.03 -6.04 -18.02
C GLU A 472 -6.43 -4.92 -17.15
N LEU A 473 -5.12 -4.94 -16.94
CA LEU A 473 -4.48 -3.88 -16.17
C LEU A 473 -4.18 -2.74 -17.10
N LYS A 474 -4.89 -1.63 -16.92
CA LYS A 474 -4.85 -0.50 -17.84
C LYS A 474 -4.80 0.80 -17.05
N PRO A 475 -4.40 1.90 -17.70
CA PRO A 475 -4.20 3.21 -17.03
C PRO A 475 -5.41 3.74 -16.25
N ASP A 476 -6.60 3.30 -16.64
CA ASP A 476 -7.82 3.77 -16.03
C ASP A 476 -8.03 3.20 -14.62
N LEU A 477 -7.26 2.18 -14.27
CA LEU A 477 -7.22 1.65 -12.89
C LEU A 477 -6.36 2.48 -11.95
N LEU A 478 -5.56 3.39 -12.51
CA LEU A 478 -4.68 4.27 -11.71
C LEU A 478 -5.19 5.70 -11.56
N ASP A 479 -4.96 6.28 -10.39
CA ASP A 479 -5.07 7.72 -10.23
C ASP A 479 -3.69 8.32 -10.44
N LEU A 480 -3.51 8.99 -11.58
CA LEU A 480 -2.22 9.56 -11.97
C LEU A 480 -2.05 11.08 -11.72
N SER A 481 -3.00 11.68 -11.00
CA SER A 481 -3.08 13.13 -10.92
C SER A 481 -1.99 13.77 -10.07
N THR A 482 -1.35 12.99 -9.21
CA THR A 482 -0.26 13.50 -8.37
C THR A 482 1.10 12.89 -8.69
N LEU A 483 1.19 12.24 -9.85
CA LEU A 483 2.46 11.72 -10.37
C LEU A 483 3.61 12.73 -10.33
N LYS A 484 3.28 14.01 -10.56
CA LYS A 484 4.29 15.06 -10.68
C LYS A 484 4.68 15.74 -9.39
N ALA A 485 4.05 15.33 -8.29
CA ALA A 485 4.26 15.94 -6.99
C ALA A 485 5.56 15.44 -6.35
N ARG A 486 6.68 15.69 -7.01
CA ARG A 486 7.98 15.27 -6.55
C ARG A 486 8.59 16.54 -5.97
N THR A 487 8.66 16.61 -4.64
CA THR A 487 8.89 17.89 -3.97
C THR A 487 10.14 17.92 -3.09
N VAL A 488 10.70 19.11 -2.92
CA VAL A 488 11.73 19.37 -1.93
C VAL A 488 11.21 20.48 -1.04
N GLY A 489 11.03 20.17 0.25
CA GLY A 489 10.50 21.14 1.20
C GLY A 489 11.49 22.27 1.42
N VAL A 490 11.00 23.44 1.78
CA VAL A 490 11.90 24.50 2.26
C VAL A 490 12.46 24.02 3.58
N PRO A 491 13.71 24.36 3.87
CA PRO A 491 14.43 23.75 5.00
C PRO A 491 13.66 24.08 6.24
N ASN A 492 13.49 23.16 7.19
CA ASN A 492 12.79 23.70 8.30
C ASN A 492 13.42 24.55 9.34
N ASP A 493 12.55 25.22 10.06
CA ASP A 493 12.88 26.34 10.90
C ASP A 493 13.30 25.70 12.21
N VAL A 494 14.60 25.48 12.36
CA VAL A 494 15.04 24.63 13.46
C VAL A 494 14.72 25.23 14.83
N LEU A 495 14.82 26.55 14.99
CA LEU A 495 14.54 27.19 16.27
C LEU A 495 13.05 27.13 16.63
N TYR A 496 12.20 27.51 15.67
CA TYR A 496 10.75 27.40 15.86
C TYR A 496 10.39 25.97 16.31
N ASN A 497 10.79 24.99 15.52
CA ASN A 497 10.45 23.61 15.84
C ASN A 497 11.06 23.10 17.14
N GLU A 498 12.26 23.59 17.48
CA GLU A 498 12.93 23.17 18.69
C GLU A 498 12.14 23.59 19.94
N VAL A 499 11.85 24.88 20.09
CA VAL A 499 11.10 25.32 21.26
C VAL A 499 9.67 24.78 21.31
N TYR A 500 9.05 24.57 20.15
CA TYR A 500 7.67 24.09 20.14
C TYR A 500 7.52 22.75 20.87
N GLU A 501 6.55 22.66 21.77
CA GLU A 501 6.20 21.40 22.39
C GLU A 501 4.84 20.93 21.94
N GLY A 502 4.78 19.71 21.45
CA GLY A 502 3.53 19.17 20.96
C GLY A 502 2.53 18.74 22.03
N PRO A 503 1.31 18.45 21.60
CA PRO A 503 0.33 17.84 22.48
C PRO A 503 0.88 16.52 23.00
N THR A 504 0.37 16.03 24.11
CA THR A 504 0.77 14.73 24.65
C THR A 504 -0.46 13.87 24.88
N LEU A 505 -0.25 12.56 25.04
CA LEU A 505 -1.36 11.66 25.36
C LEU A 505 -1.53 11.53 26.88
N THR A 506 -2.71 11.12 27.35
CA THR A 506 -2.92 10.92 28.79
C THR A 506 -1.95 9.86 29.27
N GLU A 507 -1.54 10.01 30.51
CA GLU A 507 -0.70 9.02 31.13
C GLU A 507 -1.53 8.08 31.97
N PHE A 508 -0.98 6.91 32.26
CA PHE A 508 -1.52 6.03 33.28
C PHE A 508 -1.26 6.65 34.66
N GLU A 509 -2.05 6.24 35.65
CA GLU A 509 -1.92 6.73 37.03
C GLU A 509 -0.50 6.58 37.57
N ASP A 510 -0.01 7.61 38.28
CA ASP A 510 1.34 7.61 38.88
C ASP A 510 1.54 6.30 39.64
N ALA A 511 0.53 5.96 40.45
CA ALA A 511 0.42 4.68 41.13
C ALA A 511 -0.93 4.69 41.88
N THR B 102 2.58 -14.24 27.24
CA THR B 102 4.01 -14.35 27.72
C THR B 102 4.20 -13.92 29.19
N LYS B 103 3.24 -14.29 30.07
CA LYS B 103 3.36 -14.03 31.51
C LYS B 103 3.87 -12.60 31.76
N GLU B 104 3.49 -11.70 30.85
CA GLU B 104 3.90 -10.31 30.92
C GLU B 104 2.65 -9.51 31.12
N ASP B 105 1.51 -10.08 30.68
CA ASP B 105 0.19 -9.53 30.98
C ASP B 105 -0.05 -9.38 32.49
N ILE B 106 0.99 -9.68 33.25
CA ILE B 106 1.08 -9.23 34.64
C ILE B 106 1.01 -7.71 34.56
N ALA B 107 2.03 -7.11 33.93
CA ALA B 107 2.10 -5.66 33.68
C ALA B 107 0.78 -5.15 33.12
N ARG B 108 0.17 -5.95 32.25
CA ARG B 108 -1.06 -5.56 31.54
C ARG B 108 -2.29 -5.40 32.43
N LYS B 109 -2.45 -6.25 33.44
CA LYS B 109 -3.59 -6.11 34.36
C LYS B 109 -3.35 -5.04 35.42
N GLU B 110 -2.08 -4.67 35.63
CA GLU B 110 -1.72 -3.57 36.52
C GLU B 110 -2.11 -2.21 35.94
N GLN B 111 -1.98 -2.02 34.63
CA GLN B 111 -2.40 -0.78 33.96
C GLN B 111 -3.92 -0.70 33.90
N LEU B 112 -4.52 -1.73 33.30
CA LEU B 112 -5.96 -1.90 33.29
C LEU B 112 -6.52 -1.54 34.68
N LYS B 113 -6.05 -2.25 35.71
CA LYS B 113 -6.50 -2.04 37.09
C LYS B 113 -6.01 -0.72 37.62
N SER B 114 -6.94 0.22 37.73
CA SER B 114 -6.78 1.40 38.58
C SER B 114 -5.57 2.27 38.25
N LEU B 115 -4.72 1.81 37.32
CA LEU B 115 -3.74 2.72 36.74
C LEU B 115 -4.38 3.48 35.58
N LEU B 116 -5.41 2.90 34.98
CA LEU B 116 -6.23 3.59 33.98
C LEU B 116 -6.71 4.93 34.52
N PRO B 117 -6.63 5.99 33.72
CA PRO B 117 -7.09 7.31 34.15
C PRO B 117 -8.61 7.31 34.26
N PRO B 118 -9.17 8.14 35.14
CA PRO B 118 -10.62 8.33 35.20
C PRO B 118 -11.16 8.73 33.83
N LEU B 119 -12.29 8.14 33.45
CA LEU B 119 -12.97 8.50 32.19
C LEU B 119 -13.05 10.02 31.96
N ASP B 120 -13.33 10.78 33.01
CA ASP B 120 -13.47 12.23 32.93
C ASP B 120 -12.20 12.97 32.52
N ASN B 121 -11.06 12.28 32.60
CA ASN B 121 -9.77 12.84 32.19
C ASN B 121 -9.43 12.57 30.73
N ILE B 122 -10.34 11.95 30.00
CA ILE B 122 -10.11 11.63 28.60
C ILE B 122 -10.54 12.82 27.78
N ILE B 123 -9.57 13.42 27.09
CA ILE B 123 -9.79 14.65 26.33
C ILE B 123 -10.23 14.37 24.90
N ASN B 124 -9.56 13.43 24.25
CA ASN B 124 -9.82 13.13 22.84
C ASN B 124 -9.75 11.65 22.49
N LEU B 125 -10.08 11.34 21.24
CA LEU B 125 -10.16 9.98 20.75
C LEU B 125 -8.80 9.26 20.72
N TYR B 126 -7.71 10.02 20.58
CA TYR B 126 -6.37 9.45 20.61
C TYR B 126 -5.99 8.91 21.99
N ASP B 127 -6.48 9.57 23.05
CA ASP B 127 -6.26 9.12 24.42
C ASP B 127 -6.71 7.65 24.59
N PHE B 128 -7.91 7.34 24.08
CA PHE B 128 -8.45 5.98 24.08
C PHE B 128 -7.52 5.04 23.34
N GLU B 129 -7.08 5.47 22.15
CA GLU B 129 -6.12 4.72 21.36
C GLU B 129 -4.81 4.43 22.10
N TYR B 130 -4.26 5.43 22.79
CA TYR B 130 -3.01 5.24 23.52
C TYR B 130 -3.15 4.17 24.57
N LEU B 131 -4.17 4.35 25.43
CA LEU B 131 -4.44 3.44 26.54
C LEU B 131 -4.70 2.02 26.03
N ALA B 132 -5.49 1.89 24.96
CA ALA B 132 -5.71 0.60 24.32
C ALA B 132 -4.41 -0.05 23.91
N SER B 133 -3.48 0.75 23.37
CA SER B 133 -2.21 0.25 22.88
C SER B 133 -1.38 -0.45 23.96
N GLN B 134 -1.49 0.03 25.20
CA GLN B 134 -0.73 -0.51 26.31
C GLN B 134 -1.43 -1.64 27.04
N THR B 135 -2.76 -1.73 26.94
CA THR B 135 -3.48 -2.70 27.76
C THR B 135 -4.03 -3.94 27.10
N LEU B 136 -4.26 -3.90 25.79
CA LEU B 136 -4.77 -5.07 25.07
C LEU B 136 -3.72 -6.16 24.92
N THR B 137 -4.19 -7.37 24.66
CA THR B 137 -3.32 -8.49 24.33
C THR B 137 -2.64 -8.15 23.00
N LYS B 138 -1.41 -8.64 22.81
CA LYS B 138 -0.66 -8.42 21.58
C LYS B 138 -1.54 -8.66 20.35
N GLN B 139 -2.37 -9.71 20.42
CA GLN B 139 -3.16 -10.13 19.27
C GLN B 139 -4.43 -9.33 19.08
N ALA B 140 -4.99 -8.80 20.17
CA ALA B 140 -6.14 -7.91 20.04
C ALA B 140 -5.68 -6.62 19.38
N TRP B 141 -4.57 -6.08 19.91
CA TRP B 141 -3.94 -4.90 19.35
C TRP B 141 -3.58 -5.08 17.88
N ALA B 142 -2.91 -6.20 17.57
CA ALA B 142 -2.56 -6.50 16.19
C ALA B 142 -3.82 -6.56 15.34
N TYR B 143 -4.86 -7.24 15.82
CA TYR B 143 -6.08 -7.38 15.04
C TYR B 143 -6.84 -6.08 14.81
N TYR B 144 -6.75 -5.12 15.74
CA TYR B 144 -7.53 -3.89 15.63
C TYR B 144 -6.75 -2.79 14.93
N SER B 145 -5.49 -2.64 15.31
CA SER B 145 -4.64 -1.52 14.87
C SER B 145 -4.11 -1.69 13.44
N SER B 146 -4.17 -2.93 12.97
CA SER B 146 -3.56 -3.35 11.71
C SER B 146 -4.17 -2.75 10.46
N GLY B 147 -3.34 -2.63 9.42
CA GLY B 147 -3.77 -2.24 8.10
C GLY B 147 -3.20 -3.19 7.08
N ALA B 148 -3.46 -2.94 5.81
CA ALA B 148 -2.98 -3.79 4.73
C ALA B 148 -1.55 -3.44 4.34
N ASN B 149 -0.73 -4.49 4.12
CA ASN B 149 0.66 -4.34 3.68
C ASN B 149 1.43 -3.25 4.44
N ASP B 150 1.83 -2.17 3.74
CA ASP B 150 2.61 -1.09 4.33
C ASP B 150 1.80 0.00 5.06
N GLU B 151 0.48 -0.16 5.05
CA GLU B 151 -0.44 0.71 5.79
C GLU B 151 -0.33 2.18 5.35
N VAL B 152 -0.11 2.43 4.06
CA VAL B 152 -0.09 3.83 3.64
C VAL B 152 -1.50 4.39 3.56
N THR B 153 -2.43 3.58 3.06
CA THR B 153 -3.82 3.99 2.87
C THR B 153 -4.50 4.22 4.20
N HIS B 154 -4.29 3.31 5.13
CA HIS B 154 -4.81 3.45 6.48
C HIS B 154 -4.44 4.84 7.02
N ARG B 155 -3.17 5.22 6.87
CA ARG B 155 -2.68 6.49 7.36
C ARG B 155 -3.16 7.64 6.48
N GLU B 156 -3.17 7.41 5.18
CA GLU B 156 -3.51 8.47 4.25
C GLU B 156 -5.00 8.82 4.35
N ASN B 157 -5.79 7.89 4.89
CA ASN B 157 -7.22 8.10 5.13
C ASN B 157 -7.38 9.33 6.00
N HIS B 158 -6.52 9.42 7.01
CA HIS B 158 -6.53 10.46 7.99
C HIS B 158 -5.84 11.70 7.49
N ASN B 159 -4.61 11.53 6.99
CA ASN B 159 -3.82 12.68 6.60
C ASN B 159 -4.47 13.54 5.53
N ALA B 160 -5.31 12.94 4.68
CA ALA B 160 -5.95 13.71 3.61
C ALA B 160 -6.93 14.78 4.14
N TYR B 161 -7.50 14.57 5.32
CA TYR B 161 -8.30 15.60 5.95
C TYR B 161 -7.50 16.89 6.10
N HIS B 162 -6.20 16.77 6.32
CA HIS B 162 -5.33 17.93 6.55
C HIS B 162 -4.96 18.63 5.25
N ARG B 163 -5.45 18.09 4.16
CA ARG B 163 -5.22 18.68 2.86
C ARG B 163 -6.35 19.70 2.58
N ILE B 164 -7.30 19.78 3.52
CA ILE B 164 -8.44 20.70 3.49
C ILE B 164 -8.45 21.68 4.68
N PHE B 165 -8.59 22.97 4.39
CA PHE B 165 -8.74 23.99 5.43
C PHE B 165 -10.13 24.65 5.42
N PHE B 166 -10.42 25.40 6.47
CA PHE B 166 -11.73 26.02 6.65
C PHE B 166 -11.73 27.48 6.28
N LYS B 167 -12.84 27.93 5.68
CA LYS B 167 -13.12 29.35 5.43
C LYS B 167 -14.31 29.76 6.29
N PRO B 168 -14.11 29.99 7.60
CA PRO B 168 -15.24 30.16 8.52
C PRO B 168 -15.86 31.56 8.49
N LYS B 169 -17.16 31.65 8.77
CA LYS B 169 -17.87 32.93 8.83
C LYS B 169 -17.86 33.48 10.24
N ILE B 170 -17.53 34.75 10.39
CA ILE B 170 -17.60 35.40 11.70
C ILE B 170 -18.81 36.33 11.77
N LEU B 171 -19.16 36.74 13.00
CA LEU B 171 -20.27 37.67 13.26
C LEU B 171 -21.59 37.08 12.85
N VAL B 172 -21.76 35.79 13.17
CA VAL B 172 -23.01 35.07 12.97
C VAL B 172 -23.47 34.61 14.35
N ASP B 173 -24.72 34.88 14.69
CA ASP B 173 -25.33 34.36 15.92
C ASP B 173 -25.27 32.84 15.93
N VAL B 174 -24.40 32.31 16.80
CA VAL B 174 -24.20 30.87 16.93
C VAL B 174 -24.52 30.36 18.34
N ARG B 175 -25.31 31.12 19.10
CA ARG B 175 -25.74 30.69 20.43
C ARG B 175 -26.28 29.26 20.41
N LYS B 176 -26.98 28.92 19.33
CA LYS B 176 -27.72 27.67 19.21
C LYS B 176 -27.22 26.91 17.99
N VAL B 177 -26.80 25.69 18.21
CA VAL B 177 -26.39 24.82 17.11
C VAL B 177 -27.14 23.51 17.20
N ASP B 178 -27.47 22.99 16.02
CA ASP B 178 -28.07 21.68 15.94
C ASP B 178 -27.26 20.80 14.99
N ILE B 179 -26.85 19.64 15.50
CA ILE B 179 -26.06 18.70 14.71
C ILE B 179 -26.83 17.41 14.36
N SER B 180 -28.14 17.41 14.64
CA SER B 180 -29.01 16.32 14.21
C SER B 180 -29.15 16.30 12.68
N THR B 181 -29.52 15.14 12.14
CA THR B 181 -29.64 14.94 10.70
C THR B 181 -30.45 13.68 10.41
N ASP B 182 -30.68 13.40 9.14
CA ASP B 182 -31.32 12.14 8.75
C ASP B 182 -30.36 11.25 7.96
N MET B 183 -30.38 9.97 8.31
CA MET B 183 -29.59 8.95 7.64
C MET B 183 -30.50 7.76 7.37
N LEU B 184 -30.72 7.45 6.08
CA LEU B 184 -31.51 6.27 5.65
C LEU B 184 -32.95 6.29 6.18
N GLY B 185 -33.62 7.43 6.05
CA GLY B 185 -34.98 7.62 6.55
C GLY B 185 -35.21 7.72 8.07
N SER B 186 -34.16 7.57 8.88
CA SER B 186 -34.30 7.76 10.33
C SER B 186 -33.70 9.11 10.75
N HIS B 187 -34.33 9.77 11.73
CA HIS B 187 -33.73 10.96 12.34
C HIS B 187 -32.65 10.54 13.35
N VAL B 188 -31.47 11.15 13.21
CA VAL B 188 -30.31 10.83 14.05
C VAL B 188 -29.78 12.03 14.83
N ASP B 189 -29.38 11.79 16.07
CA ASP B 189 -28.92 12.85 16.95
C ASP B 189 -27.65 13.53 16.44
N VAL B 190 -26.72 12.73 15.94
CA VAL B 190 -25.42 13.21 15.44
C VAL B 190 -25.21 12.85 13.96
N PRO B 191 -24.20 13.42 13.30
CA PRO B 191 -23.94 13.13 11.89
C PRO B 191 -22.83 12.07 11.70
N PHE B 192 -22.67 11.22 12.71
CA PHE B 192 -21.68 10.15 12.66
C PHE B 192 -22.27 8.84 13.20
N TYR B 193 -21.51 7.75 13.07
CA TYR B 193 -21.92 6.44 13.57
C TYR B 193 -20.71 5.55 13.86
N VAL B 194 -20.96 4.47 14.58
CA VAL B 194 -19.96 3.45 14.84
C VAL B 194 -19.99 2.46 13.68
N SER B 195 -18.92 2.42 12.88
CA SER B 195 -18.81 1.49 11.77
C SER B 195 -18.64 0.06 12.27
N ALA B 196 -18.97 -0.90 11.42
CA ALA B 196 -18.95 -2.31 11.80
C ALA B 196 -17.54 -2.84 11.94
N THR B 197 -17.38 -3.70 12.93
CA THR B 197 -16.07 -4.00 13.44
C THR B 197 -16.12 -5.39 14.06
N GLY B 198 -15.58 -6.37 13.33
CA GLY B 198 -15.64 -7.76 13.76
C GLY B 198 -14.91 -8.09 15.05
N LEU B 199 -15.37 -9.14 15.73
CA LEU B 199 -14.72 -9.70 16.93
C LEU B 199 -14.36 -8.71 18.05
N CYS B 200 -15.36 -8.01 18.58
CA CYS B 200 -15.14 -7.06 19.68
C CYS B 200 -14.77 -7.73 21.00
N LYS B 201 -14.85 -9.06 21.06
CA LYS B 201 -14.57 -9.75 22.30
C LYS B 201 -13.08 -9.86 22.62
N LEU B 202 -12.23 -9.55 21.64
CA LEU B 202 -10.79 -9.53 21.84
C LEU B 202 -10.41 -8.43 22.82
N GLY B 203 -11.05 -7.27 22.68
CA GLY B 203 -10.77 -6.13 23.53
C GLY B 203 -11.65 -6.05 24.77
N ASN B 204 -12.96 -6.27 24.58
CA ASN B 204 -13.94 -6.38 25.66
C ASN B 204 -14.45 -7.84 25.71
N PRO B 205 -13.74 -8.70 26.46
CA PRO B 205 -14.03 -10.14 26.42
C PRO B 205 -15.38 -10.48 27.05
N LEU B 206 -15.74 -9.78 28.13
CA LEU B 206 -17.00 -10.05 28.84
C LEU B 206 -18.26 -9.61 28.08
N GLU B 207 -18.22 -8.43 27.44
CA GLU B 207 -19.43 -7.88 26.81
C GLU B 207 -19.41 -7.73 25.29
N GLY B 208 -18.25 -7.44 24.71
CA GLY B 208 -18.09 -7.33 23.26
C GLY B 208 -18.93 -6.31 22.51
N GLU B 209 -19.64 -6.77 21.48
CA GLU B 209 -20.51 -5.91 20.67
C GLU B 209 -21.73 -5.43 21.46
N LYS B 210 -22.02 -6.09 22.57
CA LYS B 210 -23.14 -5.71 23.44
C LYS B 210 -22.91 -4.33 24.04
N ASP B 211 -21.69 -4.08 24.52
CA ASP B 211 -21.31 -2.80 25.12
C ASP B 211 -21.35 -1.62 24.13
N VAL B 212 -21.10 -1.86 22.84
CA VAL B 212 -21.21 -0.79 21.85
C VAL B 212 -22.66 -0.33 21.78
N ALA B 213 -23.60 -1.26 21.63
CA ALA B 213 -25.03 -0.97 21.72
C ALA B 213 -25.37 -0.14 22.96
N ARG B 214 -24.90 -0.58 24.12
CA ARG B 214 -25.20 0.08 25.37
C ARG B 214 -24.71 1.53 25.33
N GLY B 215 -23.40 1.71 25.15
CA GLY B 215 -22.79 3.03 24.96
C GLY B 215 -23.44 3.91 23.89
N CYS B 216 -24.04 3.28 22.87
CA CYS B 216 -24.69 4.02 21.79
C CYS B 216 -26.09 4.54 22.12
N GLY B 217 -26.68 4.02 23.19
CA GLY B 217 -28.02 4.41 23.61
C GLY B 217 -28.22 4.70 25.09
N GLN B 218 -27.18 4.50 25.90
CA GLN B 218 -27.31 4.66 27.36
C GLN B 218 -27.32 6.11 27.89
N GLY B 219 -26.83 7.04 27.07
CA GLY B 219 -26.71 8.43 27.49
C GLY B 219 -27.61 9.31 26.66
N VAL B 220 -27.41 10.61 26.75
CA VAL B 220 -28.30 11.59 26.11
C VAL B 220 -28.32 11.53 24.58
N THR B 221 -27.17 11.24 23.98
CA THR B 221 -27.05 11.23 22.53
C THR B 221 -27.06 9.81 21.99
N LYS B 222 -27.81 9.62 20.92
CA LYS B 222 -28.08 8.29 20.39
C LYS B 222 -27.43 8.14 19.03
N VAL B 223 -26.41 7.29 18.98
CA VAL B 223 -25.58 7.08 17.80
C VAL B 223 -25.89 5.73 17.13
N PRO B 224 -26.06 5.72 15.81
CA PRO B 224 -26.31 4.47 15.08
C PRO B 224 -25.14 3.48 15.21
N GLN B 225 -25.48 2.21 15.28
CA GLN B 225 -24.48 1.15 15.33
C GLN B 225 -24.57 0.22 14.13
N MET B 226 -23.48 0.13 13.38
CA MET B 226 -23.32 -0.90 12.36
C MET B 226 -22.80 -2.18 13.03
N ILE B 227 -23.56 -3.26 12.85
CA ILE B 227 -23.21 -4.56 13.39
C ILE B 227 -22.53 -5.42 12.32
N SER B 228 -21.38 -5.99 12.69
CA SER B 228 -20.62 -6.86 11.79
C SER B 228 -21.26 -8.23 11.64
N THR B 229 -21.32 -8.72 10.39
CA THR B 229 -21.62 -10.13 10.13
C THR B 229 -20.61 -11.01 10.89
N ALA B 230 -19.44 -10.45 11.19
CA ALA B 230 -18.35 -11.15 11.87
C ALA B 230 -18.25 -10.78 13.34
N ALA B 231 -19.36 -10.29 13.89
CA ALA B 231 -19.45 -9.96 15.32
C ALA B 231 -19.24 -11.21 16.16
N SER B 232 -18.54 -11.05 17.29
CA SER B 232 -18.34 -12.18 18.20
C SER B 232 -19.60 -12.48 19.02
N CYS B 233 -20.53 -11.53 19.05
CA CYS B 233 -21.87 -11.75 19.58
C CYS B 233 -22.86 -12.03 18.46
N SER B 234 -23.99 -12.65 18.85
CA SER B 234 -25.09 -12.91 17.92
C SER B 234 -25.83 -11.60 17.65
N PRO B 235 -26.42 -11.47 16.46
CA PRO B 235 -27.27 -10.30 16.16
C PRO B 235 -28.41 -10.10 17.19
N GLU B 236 -28.86 -11.18 17.82
CA GLU B 236 -29.95 -11.11 18.80
C GLU B 236 -29.45 -10.55 20.14
N GLU B 237 -28.29 -11.02 20.57
CA GLU B 237 -27.61 -10.52 21.78
C GLU B 237 -27.25 -9.03 21.69
N ILE B 238 -27.13 -8.51 20.47
CA ILE B 238 -26.70 -7.12 20.24
C ILE B 238 -27.90 -6.18 20.18
N ILE B 239 -28.95 -6.59 19.47
CA ILE B 239 -30.16 -5.78 19.37
C ILE B 239 -30.92 -5.73 20.71
N GLU B 240 -31.04 -6.88 21.37
CA GLU B 240 -31.74 -6.96 22.67
C GLU B 240 -30.92 -6.36 23.83
N ALA B 241 -29.79 -5.72 23.53
CA ALA B 241 -28.94 -5.12 24.59
C ALA B 241 -28.97 -3.58 24.59
N ALA B 242 -29.39 -3.02 23.45
CA ALA B 242 -29.59 -1.58 23.27
C ALA B 242 -30.64 -1.02 24.24
N PRO B 243 -30.20 -0.14 25.16
CA PRO B 243 -31.07 0.31 26.28
C PRO B 243 -32.12 1.38 25.95
N SER B 244 -32.27 1.75 24.67
CA SER B 244 -33.30 2.68 24.23
C SER B 244 -33.90 2.21 22.93
N ASP B 245 -35.24 2.12 22.85
CA ASP B 245 -35.86 1.79 21.56
C ASP B 245 -35.54 2.85 20.50
N LYS B 246 -35.28 4.09 20.93
CA LYS B 246 -35.03 5.19 19.99
C LYS B 246 -33.74 5.03 19.17
N GLN B 247 -32.72 4.40 19.76
CA GLN B 247 -31.45 4.15 19.05
C GLN B 247 -31.62 3.25 17.83
N ILE B 248 -30.77 3.44 16.83
CA ILE B 248 -30.91 2.69 15.58
C ILE B 248 -29.71 1.78 15.30
N GLN B 249 -29.98 0.72 14.54
CA GLN B 249 -28.98 -0.31 14.25
C GLN B 249 -29.02 -0.73 12.80
N TRP B 250 -27.84 -0.76 12.17
CA TRP B 250 -27.71 -1.26 10.81
C TRP B 250 -26.97 -2.59 10.81
N TYR B 251 -27.23 -3.39 9.78
CA TYR B 251 -26.51 -4.64 9.64
C TYR B 251 -25.53 -4.62 8.49
N GLN B 252 -24.30 -5.00 8.77
CA GLN B 252 -23.27 -5.13 7.75
C GLN B 252 -23.22 -6.58 7.30
N LEU B 253 -23.22 -6.75 5.97
CA LEU B 253 -23.37 -8.04 5.36
C LEU B 253 -22.19 -8.42 4.46
N TYR B 254 -21.54 -9.53 4.79
CA TYR B 254 -20.68 -10.22 3.83
C TYR B 254 -21.51 -11.33 3.21
N VAL B 255 -21.89 -11.21 1.94
CA VAL B 255 -22.67 -12.29 1.32
C VAL B 255 -21.82 -13.56 1.10
N ASN B 256 -22.28 -14.66 1.70
CA ASN B 256 -21.63 -15.98 1.67
C ASN B 256 -21.66 -16.60 0.28
N SER B 257 -20.70 -17.49 -0.01
CA SER B 257 -20.73 -18.29 -1.25
C SER B 257 -21.96 -19.21 -1.23
N ASP B 258 -22.23 -19.81 -0.08
CA ASP B 258 -23.51 -20.45 0.22
C ASP B 258 -24.60 -19.39 0.42
N ARG B 259 -25.30 -19.04 -0.67
CA ARG B 259 -26.32 -17.99 -0.64
C ARG B 259 -27.59 -18.28 0.17
N LYS B 260 -27.76 -19.54 0.58
CA LYS B 260 -28.82 -19.89 1.52
C LYS B 260 -28.52 -19.25 2.88
N ILE B 261 -27.26 -19.32 3.31
CA ILE B 261 -26.83 -18.71 4.57
C ILE B 261 -27.18 -17.22 4.58
N THR B 262 -26.83 -16.53 3.49
CA THR B 262 -27.04 -15.10 3.35
C THR B 262 -28.51 -14.71 3.19
N ASP B 263 -29.32 -15.60 2.60
CA ASP B 263 -30.74 -15.32 2.41
C ASP B 263 -31.53 -15.39 3.72
N ASP B 264 -31.11 -16.27 4.62
CA ASP B 264 -31.75 -16.41 5.93
C ASP B 264 -31.26 -15.33 6.88
N LEU B 265 -29.99 -14.96 6.74
CA LEU B 265 -29.39 -13.89 7.53
C LEU B 265 -30.08 -12.55 7.27
N VAL B 266 -30.29 -12.23 5.99
CA VAL B 266 -31.00 -11.02 5.62
C VAL B 266 -32.41 -11.01 6.22
N LYS B 267 -33.05 -12.18 6.23
CA LYS B 267 -34.39 -12.32 6.80
C LYS B 267 -34.42 -12.22 8.33
N ASN B 268 -33.41 -12.77 8.99
CA ASN B 268 -33.36 -12.72 10.47
C ASN B 268 -33.12 -11.31 11.02
N VAL B 269 -32.33 -10.52 10.30
CA VAL B 269 -32.01 -9.17 10.77
C VAL B 269 -33.13 -8.18 10.47
N GLU B 270 -33.87 -8.42 9.39
CA GLU B 270 -35.07 -7.63 9.08
C GLU B 270 -36.10 -7.74 10.21
N LYS B 271 -36.34 -8.96 10.67
CA LYS B 271 -37.36 -9.20 11.68
C LYS B 271 -36.88 -8.83 13.08
N LEU B 272 -35.57 -8.63 13.24
CA LEU B 272 -35.01 -8.18 14.52
C LEU B 272 -34.99 -6.65 14.64
N GLY B 273 -35.26 -5.97 13.53
CA GLY B 273 -35.51 -4.55 13.54
C GLY B 273 -34.39 -3.63 13.05
N VAL B 274 -33.33 -4.19 12.47
CA VAL B 274 -32.29 -3.34 11.86
C VAL B 274 -32.94 -2.51 10.77
N LYS B 275 -32.44 -1.29 10.58
CA LYS B 275 -33.10 -0.35 9.70
C LYS B 275 -32.41 -0.25 8.35
N ALA B 276 -31.36 -1.05 8.15
CA ALA B 276 -30.63 -1.08 6.87
C ALA B 276 -29.58 -2.20 6.72
N LEU B 277 -29.20 -2.46 5.47
CA LEU B 277 -28.11 -3.39 5.16
C LEU B 277 -26.95 -2.71 4.45
N PHE B 278 -25.78 -2.77 5.08
CA PHE B 278 -24.52 -2.36 4.45
C PHE B 278 -23.81 -3.61 3.90
N VAL B 279 -23.77 -3.72 2.58
CA VAL B 279 -23.15 -4.87 1.89
C VAL B 279 -21.70 -4.55 1.60
N THR B 280 -20.79 -5.27 2.23
CA THR B 280 -19.37 -4.98 2.12
C THR B 280 -18.75 -5.65 0.90
N VAL B 281 -18.14 -4.82 0.06
CA VAL B 281 -17.72 -5.21 -1.28
C VAL B 281 -16.23 -4.96 -1.56
N ASP B 282 -15.50 -4.50 -0.54
CA ASP B 282 -14.09 -4.19 -0.70
C ASP B 282 -13.21 -5.30 -0.13
N ALA B 283 -13.83 -6.44 0.15
CA ALA B 283 -13.08 -7.55 0.74
C ALA B 283 -13.32 -8.93 0.11
N PRO B 284 -13.37 -9.03 -1.22
CA PRO B 284 -13.53 -10.33 -1.87
C PRO B 284 -12.41 -11.30 -1.47
N SER B 285 -11.16 -10.83 -1.42
CA SER B 285 -10.09 -11.55 -0.73
C SER B 285 -9.57 -10.77 0.48
N LEU B 286 -8.95 -11.47 1.42
CA LEU B 286 -8.54 -10.89 2.70
C LEU B 286 -7.28 -10.05 2.52
N GLY B 287 -7.34 -8.79 2.95
CA GLY B 287 -6.18 -7.93 2.94
C GLY B 287 -5.09 -8.53 3.80
N GLN B 288 -3.85 -8.46 3.33
CA GLN B 288 -2.72 -9.01 4.06
C GLN B 288 -2.30 -8.08 5.17
N ARG B 289 -2.66 -8.44 6.40
CA ARG B 289 -2.42 -7.57 7.56
C ARG B 289 -1.25 -8.12 8.38
N GLU B 290 -0.07 -7.60 8.11
CA GLU B 290 1.17 -8.22 8.52
C GLU B 290 1.48 -8.21 10.01
N LYS B 291 0.84 -7.31 10.77
CA LYS B 291 1.09 -7.24 12.20
C LYS B 291 0.61 -8.52 12.88
N ASP B 292 -0.57 -8.96 12.44
CA ASP B 292 -1.18 -10.24 12.78
C ASP B 292 -0.27 -11.41 12.49
N MET B 293 0.23 -11.44 11.26
CA MET B 293 1.03 -12.55 10.76
C MET B 293 2.31 -12.70 11.54
N LYS B 294 2.98 -11.58 11.79
CA LYS B 294 4.28 -11.59 12.47
C LYS B 294 4.15 -12.19 13.87
N LEU B 295 3.07 -11.84 14.57
CA LEU B 295 2.81 -12.36 15.91
C LEU B 295 2.32 -13.83 15.86
N LYS B 296 1.60 -14.18 14.81
CA LYS B 296 1.14 -15.56 14.61
C LYS B 296 2.27 -16.58 14.46
N PHE B 297 3.46 -16.13 14.09
CA PHE B 297 4.61 -17.01 13.93
C PHE B 297 5.24 -17.31 15.28
N SER B 298 4.54 -18.12 16.08
CA SER B 298 4.97 -18.48 17.43
C SER B 298 5.14 -17.28 18.38
N ASN B 299 4.42 -16.20 18.11
N SER B 323 -11.35 -17.30 0.52
CA SER B 323 -12.24 -17.51 1.68
C SER B 323 -13.71 -17.94 1.38
N LYS B 324 -14.41 -18.48 2.40
CA LYS B 324 -15.76 -19.04 2.24
C LYS B 324 -16.84 -18.15 2.86
N PHE B 325 -16.66 -17.85 4.16
CA PHE B 325 -17.20 -16.64 4.79
C PHE B 325 -17.64 -15.66 3.65
N ILE B 326 -16.68 -15.24 2.81
CA ILE B 326 -16.88 -14.08 1.93
C ILE B 326 -16.78 -14.39 0.43
N ASP B 327 -17.88 -14.24 -0.29
CA ASP B 327 -17.95 -14.64 -1.70
C ASP B 327 -17.20 -13.68 -2.63
N PRO B 328 -16.13 -14.15 -3.28
CA PRO B 328 -15.36 -13.32 -4.21
C PRO B 328 -16.02 -13.14 -5.56
N SER B 329 -17.25 -13.61 -5.70
CA SER B 329 -17.96 -13.54 -6.97
C SER B 329 -19.12 -12.56 -6.94
N LEU B 330 -19.26 -11.85 -5.82
CA LEU B 330 -20.30 -10.83 -5.66
C LEU B 330 -20.31 -9.87 -6.84
N THR B 331 -21.47 -9.75 -7.48
CA THR B 331 -21.62 -8.94 -8.69
C THR B 331 -22.63 -7.83 -8.47
N TRP B 332 -22.64 -6.85 -9.38
CA TRP B 332 -23.71 -5.88 -9.45
C TRP B 332 -25.04 -6.62 -9.56
N LYS B 333 -25.12 -7.53 -10.53
CA LYS B 333 -26.33 -8.32 -10.77
C LYS B 333 -26.90 -8.89 -9.47
N ASP B 334 -26.02 -9.35 -8.59
CA ASP B 334 -26.41 -9.87 -7.28
C ASP B 334 -27.02 -8.80 -6.37
N ILE B 335 -26.59 -7.55 -6.55
CA ILE B 335 -27.09 -6.46 -5.73
C ILE B 335 -28.48 -6.09 -6.24
N GLU B 336 -28.61 -6.03 -7.57
CA GLU B 336 -29.93 -5.92 -8.22
C GLU B 336 -30.87 -6.98 -7.64
N GLU B 337 -30.37 -8.20 -7.49
CA GLU B 337 -31.16 -9.30 -6.95
C GLU B 337 -31.49 -9.12 -5.48
N LEU B 338 -30.52 -8.68 -4.68
CA LEU B 338 -30.75 -8.47 -3.26
C LEU B 338 -31.73 -7.32 -2.98
N LYS B 339 -31.82 -6.37 -3.91
CA LYS B 339 -32.82 -5.30 -3.85
C LYS B 339 -34.25 -5.85 -3.79
N LYS B 340 -34.49 -6.94 -4.52
CA LYS B 340 -35.81 -7.52 -4.66
C LYS B 340 -36.22 -8.36 -3.45
N LYS B 341 -35.26 -9.08 -2.86
CA LYS B 341 -35.55 -10.02 -1.77
C LYS B 341 -35.63 -9.37 -0.38
N THR B 342 -35.50 -8.04 -0.32
CA THR B 342 -35.61 -7.33 0.95
C THR B 342 -36.12 -5.90 0.86
N LYS B 343 -36.73 -5.45 1.95
CA LYS B 343 -37.32 -4.12 2.02
C LYS B 343 -36.42 -3.13 2.78
N LEU B 344 -35.49 -3.66 3.56
CA LEU B 344 -34.42 -2.87 4.15
C LEU B 344 -33.60 -2.16 3.06
N PRO B 345 -33.27 -0.88 3.29
CA PRO B 345 -32.49 -0.08 2.31
C PRO B 345 -31.02 -0.53 2.20
N ILE B 346 -30.52 -0.57 0.97
CA ILE B 346 -29.18 -1.10 0.70
C ILE B 346 -28.15 -0.01 0.48
N VAL B 347 -27.10 -0.08 1.29
CA VAL B 347 -25.90 0.70 1.07
C VAL B 347 -24.75 -0.23 0.67
N ILE B 348 -24.14 0.07 -0.47
CA ILE B 348 -22.96 -0.67 -0.92
C ILE B 348 -21.75 -0.05 -0.21
N LYS B 349 -21.14 -0.83 0.67
CA LYS B 349 -20.05 -0.34 1.50
C LYS B 349 -18.68 -0.74 0.96
N GLY B 350 -17.82 0.24 0.66
CA GLY B 350 -16.49 -0.05 0.13
C GLY B 350 -16.29 0.42 -1.30
N VAL B 351 -17.01 1.46 -1.68
CA VAL B 351 -16.79 2.09 -2.98
C VAL B 351 -15.57 3.00 -2.90
N GLN B 352 -14.76 2.99 -3.97
CA GLN B 352 -13.46 3.63 -3.97
C GLN B 352 -13.21 4.39 -5.28
N ARG B 353 -14.29 4.64 -6.02
CA ARG B 353 -14.22 5.23 -7.37
C ARG B 353 -15.51 5.98 -7.66
N THR B 354 -15.39 7.17 -8.26
CA THR B 354 -16.59 7.89 -8.70
C THR B 354 -17.46 6.98 -9.60
N GLU B 355 -16.82 6.31 -10.55
CA GLU B 355 -17.47 5.46 -11.55
C GLU B 355 -18.43 4.46 -10.92
N ASP B 356 -18.08 3.93 -9.76
CA ASP B 356 -18.92 2.93 -9.09
C ASP B 356 -20.03 3.57 -8.25
N VAL B 357 -19.85 4.84 -7.88
CA VAL B 357 -20.91 5.57 -7.18
C VAL B 357 -22.05 5.72 -8.17
N ILE B 358 -21.71 6.18 -9.38
CA ILE B 358 -22.66 6.28 -10.46
C ILE B 358 -23.36 4.95 -10.76
N LYS B 359 -22.64 3.83 -10.63
CA LYS B 359 -23.23 2.51 -10.85
C LYS B 359 -24.21 2.11 -9.76
N ALA B 360 -24.01 2.62 -8.55
CA ALA B 360 -24.91 2.34 -7.45
C ALA B 360 -26.21 3.14 -7.65
N ALA B 361 -26.07 4.32 -8.24
CA ALA B 361 -27.20 5.17 -8.57
C ALA B 361 -28.03 4.49 -9.64
N GLU B 362 -27.36 4.08 -10.72
CA GLU B 362 -28.01 3.44 -11.85
C GLU B 362 -28.85 2.20 -11.48
N ILE B 363 -28.44 1.46 -10.44
CA ILE B 363 -29.21 0.29 -10.02
C ILE B 363 -30.15 0.57 -8.84
N GLY B 364 -30.18 1.84 -8.40
CA GLY B 364 -31.13 2.30 -7.39
C GLY B 364 -31.03 1.79 -5.97
N VAL B 365 -29.81 1.52 -5.48
CA VAL B 365 -29.58 1.34 -4.04
C VAL B 365 -29.79 2.66 -3.28
N SER B 366 -30.03 2.57 -1.98
CA SER B 366 -30.24 3.77 -1.18
C SER B 366 -28.96 4.59 -1.00
N GLY B 367 -27.87 3.89 -0.68
CA GLY B 367 -26.62 4.57 -0.43
C GLY B 367 -25.36 3.80 -0.81
N VAL B 368 -24.26 4.38 -0.38
CA VAL B 368 -22.92 3.94 -0.71
C VAL B 368 -21.99 4.48 0.36
N VAL B 369 -21.13 3.62 0.93
CA VAL B 369 -20.05 4.13 1.77
C VAL B 369 -18.77 4.23 0.94
N LEU B 370 -18.28 5.45 0.77
CA LEU B 370 -16.95 5.68 0.27
C LEU B 370 -15.96 5.17 1.33
N SER B 371 -15.37 4.02 1.06
CA SER B 371 -14.56 3.33 2.06
C SER B 371 -13.55 2.37 1.46
N ASN B 372 -12.40 2.24 2.13
CA ASN B 372 -11.42 1.20 1.82
C ASN B 372 -11.13 0.28 3.02
N HIS B 373 -12.16 0.00 3.83
CA HIS B 373 -12.07 -0.93 4.95
C HIS B 373 -11.05 -0.51 6.00
N GLY B 374 -10.86 0.79 6.19
CA GLY B 374 -9.90 1.33 7.15
C GLY B 374 -8.47 1.01 6.75
N GLY B 375 -8.22 1.04 5.44
CA GLY B 375 -6.94 0.65 4.87
C GLY B 375 -6.55 -0.76 5.21
N ARG B 376 -7.53 -1.65 5.37
CA ARG B 376 -7.27 -3.05 5.71
C ARG B 376 -7.32 -3.95 4.47
N GLN B 377 -7.49 -3.37 3.30
CA GLN B 377 -7.66 -4.18 2.12
C GLN B 377 -6.65 -3.81 1.02
N LEU B 378 -7.05 -2.99 0.06
CA LEU B 378 -6.12 -2.59 -0.97
C LEU B 378 -5.30 -1.41 -0.48
N ASP B 379 -3.99 -1.60 -0.33
CA ASP B 379 -3.11 -0.48 -0.04
C ASP B 379 -2.97 0.35 -1.31
N PHE B 380 -2.96 1.67 -1.14
CA PHE B 380 -2.91 2.66 -2.24
C PHE B 380 -4.24 2.91 -2.90
N SER B 381 -5.29 2.44 -2.24
CA SER B 381 -6.60 3.06 -2.35
C SER B 381 -6.48 4.52 -1.85
N ARG B 382 -7.21 5.43 -2.48
CA ARG B 382 -7.22 6.84 -2.04
C ARG B 382 -7.97 7.03 -0.74
N ALA B 383 -7.70 8.15 -0.07
CA ALA B 383 -8.58 8.59 1.03
C ALA B 383 -10.01 8.87 0.52
N PRO B 384 -11.01 8.26 1.16
CA PRO B 384 -12.42 8.54 0.88
C PRO B 384 -12.76 10.02 0.90
N ILE B 385 -12.08 10.83 1.72
CA ILE B 385 -12.35 12.27 1.68
C ILE B 385 -12.05 12.88 0.30
N GLU B 386 -10.98 12.39 -0.32
CA GLU B 386 -10.53 12.90 -1.60
C GLU B 386 -11.47 12.41 -2.70
N VAL B 387 -11.98 11.19 -2.48
CA VAL B 387 -12.89 10.56 -3.41
C VAL B 387 -14.23 11.26 -3.30
N LEU B 388 -14.69 11.49 -2.06
CA LEU B 388 -15.86 12.32 -1.80
C LEU B 388 -15.76 13.61 -2.60
N ALA B 389 -14.73 14.40 -2.34
CA ALA B 389 -14.56 15.70 -2.98
C ALA B 389 -14.75 15.63 -4.49
N GLU B 390 -14.42 14.48 -5.05
CA GLU B 390 -14.45 14.28 -6.49
C GLU B 390 -15.86 13.89 -6.96
N THR B 391 -16.52 13.02 -6.21
CA THR B 391 -17.79 12.43 -6.68
C THR B 391 -19.01 13.31 -6.47
N MET B 392 -19.16 13.90 -5.28
CA MET B 392 -20.30 14.80 -5.03
C MET B 392 -20.62 15.78 -6.18
N PRO B 393 -19.65 16.58 -6.65
CA PRO B 393 -19.89 17.45 -7.82
C PRO B 393 -20.32 16.73 -9.11
N ILE B 394 -19.85 15.49 -9.34
CA ILE B 394 -20.32 14.70 -10.48
C ILE B 394 -21.80 14.29 -10.29
N LEU B 395 -22.15 13.91 -9.07
CA LEU B 395 -23.53 13.58 -8.71
C LEU B 395 -24.50 14.76 -8.82
N GLU B 396 -23.98 15.98 -8.98
CA GLU B 396 -24.83 17.15 -9.15
C GLU B 396 -25.02 17.49 -10.62
N GLN B 397 -23.97 17.27 -11.43
CA GLN B 397 -24.10 17.40 -12.88
C GLN B 397 -24.99 16.32 -13.50
N ARG B 398 -25.77 15.62 -12.66
CA ARG B 398 -26.72 14.60 -13.14
C ARG B 398 -27.92 14.32 -12.21
N ASN B 399 -28.30 15.32 -11.41
CA ASN B 399 -29.51 15.28 -10.55
C ASN B 399 -29.39 14.40 -9.30
N LEU B 400 -28.32 13.63 -9.23
CA LEU B 400 -28.25 12.47 -8.34
C LEU B 400 -27.99 12.73 -6.87
N LYS B 401 -27.95 13.99 -6.46
CA LYS B 401 -27.61 14.33 -5.06
C LYS B 401 -28.63 13.83 -4.03
N ASP B 402 -29.91 13.82 -4.40
CA ASP B 402 -30.96 13.32 -3.50
C ASP B 402 -31.16 11.79 -3.64
N LYS B 403 -30.76 11.24 -4.78
CA LYS B 403 -30.98 9.83 -5.09
C LYS B 403 -30.18 8.91 -4.19
N LEU B 404 -28.91 9.25 -4.03
CA LEU B 404 -27.96 8.39 -3.34
C LEU B 404 -27.38 9.05 -2.11
N GLU B 405 -27.66 8.48 -0.94
CA GLU B 405 -27.00 8.88 0.28
C GLU B 405 -25.53 8.40 0.23
N VAL B 406 -24.60 9.29 0.53
CA VAL B 406 -23.18 8.99 0.37
C VAL B 406 -22.49 9.11 1.71
N PHE B 407 -22.00 7.98 2.21
CA PHE B 407 -21.34 7.92 3.51
C PHE B 407 -19.83 7.87 3.35
N VAL B 408 -19.11 8.12 4.44
CA VAL B 408 -17.67 8.14 4.41
C VAL B 408 -17.10 7.67 5.73
N ASP B 409 -16.07 6.84 5.65
CA ASP B 409 -15.28 6.44 6.82
C ASP B 409 -13.79 6.43 6.49
N GLY B 410 -12.95 6.16 7.48
CA GLY B 410 -11.51 6.14 7.29
C GLY B 410 -10.82 7.36 7.86
N GLY B 411 -10.01 7.13 8.89
CA GLY B 411 -9.10 8.12 9.41
C GLY B 411 -9.74 9.17 10.29
N VAL B 412 -11.05 9.10 10.49
CA VAL B 412 -11.77 10.16 11.18
C VAL B 412 -11.46 10.07 12.67
N ARG B 413 -10.87 11.14 13.22
CA ARG B 413 -10.49 11.19 14.63
C ARG B 413 -10.91 12.50 15.36
N ARG B 414 -11.30 13.53 14.60
CA ARG B 414 -11.74 14.80 15.20
C ARG B 414 -13.03 15.35 14.60
N GLY B 415 -13.78 16.12 15.40
CA GLY B 415 -14.97 16.79 14.92
C GLY B 415 -14.80 17.54 13.61
N THR B 416 -13.64 18.19 13.42
CA THR B 416 -13.36 18.89 12.16
C THR B 416 -13.22 17.94 10.94
N ASP B 417 -12.79 16.70 11.18
CA ASP B 417 -12.73 15.73 10.09
C ASP B 417 -14.17 15.51 9.66
N VAL B 418 -15.03 15.28 10.64
CA VAL B 418 -16.44 15.06 10.38
C VAL B 418 -17.02 16.23 9.62
N LEU B 419 -16.73 17.44 10.08
CA LEU B 419 -17.27 18.64 9.45
C LEU B 419 -16.82 18.80 8.02
N LYS B 420 -15.58 18.41 7.72
CA LYS B 420 -15.05 18.53 6.37
C LYS B 420 -15.83 17.64 5.45
N ALA B 421 -16.08 16.42 5.90
CA ALA B 421 -16.86 15.44 5.15
C ALA B 421 -18.25 15.98 4.87
N LEU B 422 -18.95 16.41 5.92
CA LEU B 422 -20.33 16.91 5.78
C LEU B 422 -20.41 18.10 4.85
N CYS B 423 -19.43 18.99 4.92
CA CYS B 423 -19.36 20.16 4.04
C CYS B 423 -19.24 19.76 2.59
N LEU B 424 -18.61 18.61 2.34
CA LEU B 424 -18.43 18.13 0.97
C LEU B 424 -19.68 17.42 0.45
N GLY B 425 -20.56 16.98 1.35
CA GLY B 425 -21.84 16.42 0.97
C GLY B 425 -22.15 15.04 1.53
N ALA B 426 -21.33 14.57 2.47
CA ALA B 426 -21.54 13.24 3.01
C ALA B 426 -22.80 13.28 3.85
N LYS B 427 -23.58 12.21 3.81
CA LYS B 427 -24.77 12.18 4.63
C LYS B 427 -24.42 11.79 6.05
N GLY B 428 -23.29 11.13 6.22
CA GLY B 428 -22.83 10.68 7.53
C GLY B 428 -21.39 10.22 7.47
N VAL B 429 -20.72 10.20 8.62
CA VAL B 429 -19.34 9.72 8.64
C VAL B 429 -19.10 8.67 9.69
N GLY B 430 -18.54 7.53 9.28
CA GLY B 430 -18.31 6.42 10.19
C GLY B 430 -16.95 6.41 10.86
N LEU B 431 -16.89 5.78 12.03
CA LEU B 431 -15.62 5.55 12.73
C LEU B 431 -15.59 4.11 13.25
N GLY B 432 -14.44 3.46 13.15
CA GLY B 432 -14.29 2.10 13.66
C GLY B 432 -13.37 2.05 14.85
N ARG B 433 -12.08 1.97 14.54
CA ARG B 433 -11.02 1.88 15.54
C ARG B 433 -11.19 2.78 16.79
N PRO B 434 -11.47 4.09 16.63
CA PRO B 434 -11.67 4.96 17.79
C PRO B 434 -12.65 4.38 18.82
N PHE B 435 -13.85 4.01 18.36
CA PHE B 435 -14.87 3.41 19.24
C PHE B 435 -14.44 2.05 19.77
N LEU B 436 -13.91 1.24 18.87
CA LEU B 436 -13.35 -0.04 19.26
C LEU B 436 -12.38 0.11 20.44
N TYR B 437 -11.52 1.12 20.41
CA TYR B 437 -10.55 1.31 21.48
C TYR B 437 -11.17 1.84 22.77
N ALA B 438 -12.19 2.67 22.64
CA ALA B 438 -12.89 3.23 23.81
C ALA B 438 -13.57 2.10 24.54
N ASN B 439 -14.23 1.26 23.73
CA ASN B 439 -14.96 0.10 24.18
C ASN B 439 -14.07 -0.91 24.86
N SER B 440 -12.81 -0.96 24.42
CA SER B 440 -11.92 -2.00 24.91
C SER B 440 -11.26 -1.62 26.23
N CYS B 441 -11.36 -0.35 26.62
CA CYS B 441 -10.72 0.13 27.85
C CYS B 441 -11.71 0.41 28.94
N TYR B 442 -12.86 0.97 28.57
CA TYR B 442 -13.89 1.40 29.52
C TYR B 442 -15.27 0.89 29.14
N GLY B 443 -15.29 -0.13 28.27
CA GLY B 443 -16.52 -0.73 27.79
C GLY B 443 -17.54 0.31 27.37
N ARG B 444 -18.81 0.02 27.68
CA ARG B 444 -19.96 0.88 27.31
C ARG B 444 -19.81 2.35 27.74
N ASN B 445 -19.24 2.57 28.92
CA ASN B 445 -19.04 3.92 29.42
C ASN B 445 -18.06 4.67 28.55
N GLY B 446 -16.95 4.01 28.21
CA GLY B 446 -15.99 4.51 27.25
C GLY B 446 -16.62 4.90 25.94
N VAL B 447 -17.48 4.03 25.41
CA VAL B 447 -18.18 4.31 24.14
C VAL B 447 -19.03 5.58 24.26
N GLU B 448 -19.74 5.70 25.37
CA GLU B 448 -20.58 6.85 25.61
C GLU B 448 -19.72 8.13 25.66
N LYS B 449 -18.56 8.05 26.31
CA LYS B 449 -17.65 9.19 26.40
C LYS B 449 -17.05 9.57 25.05
N ALA B 450 -16.65 8.57 24.25
CA ALA B 450 -16.19 8.79 22.89
C ALA B 450 -17.24 9.55 22.09
N ILE B 451 -18.49 9.13 22.21
CA ILE B 451 -19.60 9.83 21.59
C ILE B 451 -19.65 11.29 22.08
N GLU B 452 -19.56 11.48 23.39
CA GLU B 452 -19.57 12.81 23.98
C GLU B 452 -18.43 13.69 23.46
N ILE B 453 -17.20 13.19 23.54
CA ILE B 453 -16.02 13.88 23.00
C ILE B 453 -16.21 14.34 21.55
N LEU B 454 -16.65 13.43 20.68
CA LEU B 454 -16.84 13.73 19.27
C LEU B 454 -17.98 14.72 19.03
N ARG B 455 -19.15 14.44 19.61
CA ARG B 455 -20.33 15.30 19.50
C ARG B 455 -20.02 16.77 19.94
N ASP B 456 -19.28 16.93 21.04
CA ASP B 456 -18.88 18.28 21.45
C ASP B 456 -17.90 18.91 20.48
N GLU B 457 -16.92 18.13 20.00
CA GLU B 457 -15.96 18.62 19.01
C GLU B 457 -16.67 19.22 17.78
N ILE B 458 -17.78 18.60 17.39
CA ILE B 458 -18.54 19.02 16.21
C ILE B 458 -19.29 20.32 16.46
N GLU B 459 -20.05 20.38 17.55
CA GLU B 459 -20.81 21.56 17.94
C GLU B 459 -19.88 22.74 18.12
N MET B 460 -18.82 22.55 18.90
CA MET B 460 -17.88 23.61 19.20
C MET B 460 -17.30 24.22 17.93
N SER B 461 -16.86 23.37 17.01
CA SER B 461 -16.27 23.84 15.74
C SER B 461 -17.28 24.34 14.71
N MET B 462 -18.50 23.81 14.74
CA MET B 462 -19.62 24.31 13.93
C MET B 462 -19.76 25.81 14.18
N ARG B 463 -19.79 26.12 15.47
CA ARG B 463 -19.96 27.44 16.03
C ARG B 463 -18.86 28.38 15.51
N LEU B 464 -17.63 27.87 15.49
CA LEU B 464 -16.48 28.65 15.06
C LEU B 464 -16.46 28.78 13.55
N LEU B 465 -17.10 27.82 12.88
CA LEU B 465 -17.25 27.85 11.44
C LEU B 465 -18.26 28.92 11.04
N GLY B 466 -19.24 29.14 11.92
CA GLY B 466 -20.25 30.16 11.75
C GLY B 466 -21.51 29.67 11.07
N VAL B 467 -21.89 28.42 11.32
CA VAL B 467 -23.18 27.89 10.86
C VAL B 467 -23.89 27.20 12.02
N THR B 468 -25.14 26.77 11.84
CA THR B 468 -25.98 26.38 12.99
C THR B 468 -26.72 25.04 12.85
N SER B 469 -26.68 24.49 11.65
CA SER B 469 -27.35 23.23 11.33
C SER B 469 -26.49 22.45 10.35
N ILE B 470 -26.61 21.12 10.35
CA ILE B 470 -25.92 20.29 9.37
C ILE B 470 -26.17 20.73 7.91
N ALA B 471 -27.38 21.21 7.62
CA ALA B 471 -27.72 21.57 6.25
C ALA B 471 -26.99 22.83 5.79
N GLU B 472 -26.42 23.58 6.72
CA GLU B 472 -25.71 24.80 6.37
C GLU B 472 -24.23 24.51 6.09
N LEU B 473 -23.80 23.30 6.46
CA LEU B 473 -22.46 22.83 6.11
C LEU B 473 -22.34 22.56 4.62
N LYS B 474 -21.76 23.51 3.91
CA LYS B 474 -21.70 23.51 2.45
C LYS B 474 -20.24 23.67 2.00
N PRO B 475 -19.91 23.33 0.75
CA PRO B 475 -18.55 23.50 0.24
C PRO B 475 -17.95 24.90 0.34
N ASP B 476 -18.73 25.98 0.39
CA ASP B 476 -18.16 27.33 0.45
C ASP B 476 -17.46 27.60 1.79
N LEU B 477 -17.75 26.77 2.78
CA LEU B 477 -17.08 26.78 4.08
C LEU B 477 -15.67 26.19 4.02
N LEU B 478 -15.34 25.50 2.94
CA LEU B 478 -14.05 24.83 2.82
C LEU B 478 -13.13 25.54 1.85
N ASP B 479 -11.82 25.48 2.15
CA ASP B 479 -10.77 25.86 1.21
C ASP B 479 -10.25 24.59 0.60
N LEU B 480 -10.56 24.39 -0.68
CA LEU B 480 -10.19 23.16 -1.38
C LEU B 480 -9.04 23.35 -2.33
N SER B 481 -8.51 24.58 -2.40
CA SER B 481 -7.40 24.90 -3.31
C SER B 481 -6.15 23.98 -3.24
N THR B 482 -5.94 23.26 -2.15
CA THR B 482 -4.77 22.37 -1.99
C THR B 482 -5.12 20.89 -1.70
N LEU B 483 -6.31 20.46 -2.11
CA LEU B 483 -6.73 19.08 -1.96
C LEU B 483 -5.80 18.08 -2.66
N LYS B 484 -5.21 18.50 -3.77
CA LYS B 484 -4.38 17.62 -4.60
C LYS B 484 -2.88 17.74 -4.29
N ALA B 485 -2.56 18.35 -3.15
CA ALA B 485 -1.15 18.48 -2.73
C ALA B 485 -0.75 17.22 -1.98
N ARG B 486 -0.82 16.09 -2.69
CA ARG B 486 -0.51 14.78 -2.14
C ARG B 486 0.87 14.43 -2.66
N THR B 487 1.87 14.69 -1.82
CA THR B 487 3.25 14.75 -2.27
C THR B 487 4.12 13.60 -1.74
N VAL B 488 5.19 13.31 -2.46
CA VAL B 488 6.29 12.48 -1.97
C VAL B 488 7.59 13.28 -2.15
N GLY B 489 8.28 13.65 -1.07
CA GLY B 489 9.53 14.36 -1.21
C GLY B 489 10.60 13.56 -1.96
N VAL B 490 11.57 14.25 -2.56
CA VAL B 490 12.75 13.55 -3.07
C VAL B 490 13.58 13.12 -1.84
N PRO B 491 14.30 12.00 -1.95
CA PRO B 491 15.05 11.47 -0.80
C PRO B 491 15.90 12.52 -0.12
N ASN B 492 15.96 12.49 1.22
CA ASN B 492 16.78 13.45 1.96
C ASN B 492 18.28 13.26 1.63
N ASP B 493 18.97 14.40 1.51
CA ASP B 493 20.40 14.43 1.23
C ASP B 493 21.15 14.11 2.54
N VAL B 494 21.48 12.83 2.73
CA VAL B 494 21.94 12.33 4.02
C VAL B 494 23.20 13.01 4.50
N LEU B 495 24.20 13.08 3.62
CA LEU B 495 25.48 13.72 3.98
C LEU B 495 25.31 15.22 4.28
N TYR B 496 24.72 15.97 3.34
CA TYR B 496 24.47 17.39 3.52
C TYR B 496 23.80 17.68 4.85
N ASN B 497 22.76 16.94 5.19
CA ASN B 497 22.01 17.16 6.41
C ASN B 497 22.76 16.75 7.66
N GLU B 498 23.45 15.62 7.60
CA GLU B 498 24.26 15.13 8.71
C GLU B 498 25.33 16.13 9.17
N VAL B 499 26.09 16.74 8.25
CA VAL B 499 27.13 17.68 8.65
C VAL B 499 26.63 19.06 9.05
N TYR B 500 25.50 19.48 8.49
CA TYR B 500 24.90 20.76 8.85
C TYR B 500 24.55 20.80 10.33
N GLU B 501 24.84 21.94 10.96
CA GLU B 501 24.52 22.16 12.36
C GLU B 501 23.54 23.31 12.44
N GLY B 502 22.34 23.03 12.93
CA GLY B 502 21.33 24.05 13.07
C GLY B 502 21.71 25.18 14.01
N PRO B 503 20.97 26.28 13.89
CA PRO B 503 20.94 27.30 14.94
C PRO B 503 20.61 26.68 16.29
N THR B 504 20.93 27.46 17.32
CA THR B 504 20.87 26.98 18.68
C THR B 504 20.26 28.07 19.60
N LEU B 505 19.43 27.64 20.54
CA LEU B 505 18.87 28.58 21.53
C LEU B 505 19.86 29.06 22.60
N THR B 506 19.59 30.25 23.14
CA THR B 506 20.35 30.80 24.27
C THR B 506 20.22 29.89 25.51
N GLU B 507 21.27 29.83 26.31
CA GLU B 507 21.48 28.63 27.12
C GLU B 507 21.03 28.53 28.57
N PHE B 508 21.07 29.63 29.32
CA PHE B 508 21.04 29.61 30.80
C PHE B 508 22.46 29.54 31.32
N GLU B 509 22.77 30.44 32.25
CA GLU B 509 24.10 30.51 32.84
C GLU B 509 24.40 29.28 33.66
N ASP B 510 25.68 28.95 33.77
CA ASP B 510 26.09 27.79 34.57
C ASP B 510 25.89 28.01 36.06
N ALA B 511 26.32 29.17 36.56
CA ALA B 511 26.12 29.59 37.95
C ALA B 511 26.24 28.46 38.99
#